data_7FCP
#
_entry.id   7FCP
#
_cell.length_a   223.007
_cell.length_b   80.414
_cell.length_c   72.746
_cell.angle_alpha   90.000
_cell.angle_beta   106.230
_cell.angle_gamma   90.000
#
_symmetry.space_group_name_H-M   'C 1 2 1'
#
loop_
_entity.id
_entity.type
_entity.pdbx_description
1 polymer 'Spike protein S1'
2 polymer 'P14-44 antibody Fab fragment heavy chain'
3 polymer 'P14-44 antibody Fab fragment light chain'
4 polymer 'P5-22 antibody Fab fragment heavy chain'
5 polymer 'P5-22 antibody Fab fragment light chain'
6 non-polymer 2-AMINO-2-HYDROXYMETHYL-PROPANE-1,3-DIOL
7 non-polymer 2-acetamido-2-deoxy-beta-D-glucopyranose
8 non-polymer GLYCEROL
9 water water
#
loop_
_entity_poly.entity_id
_entity_poly.type
_entity_poly.pdbx_seq_one_letter_code
_entity_poly.pdbx_strand_id
1 'polypeptide(L)'
;VDQPTESIVRFPNITNLCPFGEVFNATRFASVYAWNRKRISNCVADYSVLYNSASFSTFKCYGVSPTKLNDLCFTNVYAD
SFVIRGDEVRQIAPGQTGKIADYNYKLPDDFTGCVIAWNSNNLDSKVGGNYNYLYRLFRKSNLKPFERDISTEIYQAGST
PCNGVEGFNCYFPLQSYGFQPTNGVGYQPYRVVVLSFELLHAPATVCGPKKSTNLVKNKCVNFNFNGLTGTGVLTESNKK
FLPFQQFGRDIADTTDAVRDPQTLEILDITPCSSRGS
;
A
2 'polypeptide(L)'
;QVQLVQSGAEVKKPGASVKVSCKASGYIFTSYSMHWVRQAPGQGLEWMGTIKPSDDSTNYAQKFQGRVSMTRDTSTSTVY
MELSSLRYEDTAVYYCAREARGYYDRSGYYHPGYFDYWGQGTLVTVSSASTKGPSVFPLAPSSKSTSGGTAALGCLVKDY
FPEPVTVSWNSGALTSGVHTFPAVLQSSGLYSLSSVVTVPSSSLGTQTYICNVNHKPSNTKVDKKVEPKSCDKTH
;
H
3 'polypeptide(L)'
;QSVLTQPASVSGSPGQSITISCTGTSSDVGGYNFVSWYQQHPGKAPKLMIYEVSDRPSGVSSRFSGSKSGNTASLTISGL
QAEDEADYYCFSYTTSTTWVFGGGTKLTVLGQPKAAPSVTLFPPSSEELQANKATLVCLISDFYPGAVTVAWKADSSPVK
AGVETTTPSKQSNNKYAASSYLSLTPEQWKSHRSYSCQVTHEGSTVEKTVAPTECS
;
L
4 'polypeptide(L)'
;EVQLVESGGGLVKPGGSLRLSCAASGFTFRDYDIIWIRQAPGKGLEWVSYISRSGSTIYYSDSVRGRFTISRDNAKNSVY
LQMNSLRAEDTAVYYCARDFGFEGPRMDVWGQGTTVTVSSASTKGPSVFPLAPSSKSTSGGTAALGCLVKDYFPEPVTVS
WNSGALTSGVHTFPAVLQSSGLYSLSSVVTVPSSSLGTQTYICNVNHKPSNTKVDKKVEPKSCDKTH
;
B
5 'polypeptide(L)'
;DIQMTQSPSSLSASVGDRVTITCQASQDIKNYLNWYQQKPGKAPKLLIYDASNLETGVPSRFSGSGSGTDFTFTISSLQP
EDIATYYCQQFDNLPITFGQGTRLEIKRTVAAPSVFIFPPSDEQLKSGTASVVCLLNNFYPREAKVQWKVDNALQSGNSQ
ESVTEQDSKDSTYSLSSTLTLSKADYEKHKVYACEVTHQGLSSPVTKSFNRGEC
;
D
#
# COMPACT_ATOMS: atom_id res chain seq x y z
N ASN A 16 -41.15 13.43 -42.52
CA ASN A 16 -42.07 12.62 -41.66
C ASN A 16 -41.45 11.33 -41.12
N LEU A 17 -40.39 10.82 -41.75
CA LEU A 17 -39.59 9.74 -41.17
C LEU A 17 -38.44 10.37 -40.38
N CYS A 18 -38.41 10.13 -39.06
CA CYS A 18 -37.49 10.83 -38.14
C CYS A 18 -36.01 10.53 -38.44
N PRO A 19 -35.14 11.55 -38.40
CA PRO A 19 -33.77 11.48 -38.93
C PRO A 19 -32.73 10.79 -38.01
N PHE A 20 -32.79 9.46 -37.93
CA PHE A 20 -31.82 8.69 -37.15
C PHE A 20 -30.57 8.33 -37.95
N GLY A 21 -30.72 8.04 -39.24
CA GLY A 21 -29.56 7.78 -40.12
C GLY A 21 -28.55 8.92 -40.18
N GLU A 22 -29.04 10.16 -40.03
CA GLU A 22 -28.18 11.34 -39.96
C GLU A 22 -27.35 11.37 -38.66
N VAL A 23 -27.99 10.89 -37.58
CA VAL A 23 -27.37 10.85 -36.24
C VAL A 23 -26.44 9.64 -36.12
N PHE A 24 -26.93 8.45 -36.47
CA PHE A 24 -26.11 7.24 -36.31
C PHE A 24 -25.04 7.14 -37.40
N ASN A 25 -25.25 7.78 -38.54
CA ASN A 25 -24.22 7.66 -39.60
C ASN A 25 -23.76 9.01 -40.10
N ALA A 26 -23.40 9.90 -39.18
CA ALA A 26 -22.78 11.15 -39.61
C ALA A 26 -21.35 10.81 -40.00
N THR A 27 -20.81 11.45 -41.02
CA THR A 27 -19.41 11.12 -41.37
C THR A 27 -18.52 11.38 -40.16
N ARG A 28 -18.72 12.52 -39.49
CA ARG A 28 -17.93 12.78 -38.27
C ARG A 28 -18.86 12.95 -37.08
N PHE A 29 -18.37 12.53 -35.91
CA PHE A 29 -19.02 12.74 -34.62
C PHE A 29 -18.32 13.89 -33.90
N ALA A 30 -18.96 14.45 -32.89
CA ALA A 30 -18.37 15.53 -32.12
C ALA A 30 -17.37 15.00 -31.09
N SER A 31 -16.48 15.88 -30.66
CA SER A 31 -15.71 15.63 -29.45
C SER A 31 -16.65 15.61 -28.23
N VAL A 32 -16.34 14.76 -27.24
CA VAL A 32 -17.19 14.62 -26.06
C VAL A 32 -17.35 15.93 -25.26
N TYR A 33 -16.29 16.74 -25.21
CA TYR A 33 -16.37 18.06 -24.55
C TYR A 33 -17.28 19.04 -25.30
N ALA A 34 -17.33 18.92 -26.62
CA ALA A 34 -18.23 19.74 -27.48
C ALA A 34 -19.29 18.83 -28.07
N TRP A 35 -19.95 18.08 -27.20
CA TRP A 35 -20.94 17.08 -27.60
C TRP A 35 -22.09 17.71 -28.36
N ASN A 36 -22.55 17.00 -29.39
CA ASN A 36 -23.58 17.48 -30.30
C ASN A 36 -24.95 17.06 -29.78
N ARG A 37 -25.92 17.97 -29.87
CA ARG A 37 -27.32 17.68 -29.57
C ARG A 37 -28.15 17.94 -30.81
N LYS A 38 -28.92 16.94 -31.21
CA LYS A 38 -29.83 17.03 -32.32
C LYS A 38 -31.22 16.82 -31.75
N ARG A 39 -32.12 17.80 -31.90
CA ARG A 39 -33.51 17.60 -31.47
C ARG A 39 -34.26 16.79 -32.52
N ILE A 40 -35.01 15.81 -32.02
CA ILE A 40 -35.91 14.98 -32.82
C ILE A 40 -37.34 15.38 -32.43
N SER A 41 -38.08 15.94 -33.38
CA SER A 41 -39.47 16.35 -33.12
C SER A 41 -40.35 16.22 -34.37
N ASN A 42 -41.65 16.00 -34.15
CA ASN A 42 -42.68 16.06 -35.19
C ASN A 42 -42.45 15.09 -36.37
N CYS A 43 -42.30 13.80 -36.08
CA CYS A 43 -42.16 12.77 -37.12
C CYS A 43 -42.37 11.37 -36.58
N VAL A 44 -42.44 10.40 -37.50
CA VAL A 44 -42.59 8.99 -37.17
C VAL A 44 -41.19 8.36 -37.06
N ALA A 45 -40.96 7.65 -35.95
CA ALA A 45 -39.67 7.02 -35.69
C ALA A 45 -39.87 5.53 -35.47
N ASP A 46 -39.21 4.72 -36.29
CA ASP A 46 -39.18 3.27 -36.06
C ASP A 46 -37.92 2.90 -35.27
N TYR A 47 -38.09 2.81 -33.95
CA TYR A 47 -37.00 2.49 -33.03
C TYR A 47 -36.51 1.04 -33.15
N SER A 48 -37.26 0.19 -33.85
CA SER A 48 -36.85 -1.20 -34.09
C SER A 48 -35.53 -1.30 -34.85
N VAL A 49 -35.26 -0.37 -35.75
CA VAL A 49 -34.00 -0.38 -36.51
C VAL A 49 -32.76 -0.33 -35.58
N LEU A 50 -32.92 0.30 -34.41
CA LEU A 50 -31.90 0.32 -33.36
C LEU A 50 -31.87 -0.98 -32.56
N TYR A 51 -32.99 -1.34 -31.92
CA TYR A 51 -32.99 -2.54 -31.04
C TYR A 51 -32.95 -3.91 -31.75
N ASN A 52 -33.33 -3.97 -33.03
CA ASN A 52 -33.12 -5.19 -33.85
C ASN A 52 -31.77 -5.20 -34.59
N SER A 53 -30.88 -4.25 -34.28
CA SER A 53 -29.47 -4.30 -34.71
C SER A 53 -28.68 -5.01 -33.62
N ALA A 54 -27.72 -5.83 -34.03
CA ALA A 54 -26.79 -6.52 -33.12
C ALA A 54 -25.35 -6.00 -33.28
N SER A 55 -25.18 -4.86 -33.94
CA SER A 55 -23.86 -4.24 -34.15
C SER A 55 -23.46 -3.20 -33.07
N PHE A 56 -24.29 -3.02 -32.03
CA PHE A 56 -23.98 -2.10 -30.92
C PHE A 56 -23.39 -2.84 -29.72
N SER A 57 -22.26 -2.35 -29.21
CA SER A 57 -21.59 -2.96 -28.05
C SER A 57 -22.21 -2.58 -26.70
N THR A 58 -22.92 -1.45 -26.66
CA THR A 58 -23.70 -1.05 -25.48
C THR A 58 -25.09 -0.61 -25.91
N PHE A 59 -26.10 -1.06 -25.16
CA PHE A 59 -27.50 -0.66 -25.39
C PHE A 59 -28.18 -0.82 -24.04
N LYS A 60 -28.25 0.29 -23.31
CA LYS A 60 -28.82 0.33 -21.97
C LYS A 60 -29.80 1.48 -21.85
N CYS A 61 -31.04 1.16 -21.51
CA CYS A 61 -32.10 2.14 -21.36
C CYS A 61 -32.53 2.23 -19.91
N TYR A 62 -32.67 3.45 -19.41
CA TYR A 62 -33.02 3.70 -18.01
C TYR A 62 -34.40 4.36 -17.93
N GLY A 63 -35.26 3.84 -17.06
CA GLY A 63 -36.64 4.32 -16.91
C GLY A 63 -37.64 4.01 -18.03
N VAL A 64 -37.22 3.25 -19.04
CA VAL A 64 -38.04 2.96 -20.22
C VAL A 64 -37.41 1.79 -21.00
N SER A 65 -38.21 0.90 -21.57
CA SER A 65 -37.69 -0.25 -22.31
C SER A 65 -37.69 0.02 -23.81
N PRO A 66 -36.57 -0.28 -24.49
CA PRO A 66 -36.45 0.05 -25.92
C PRO A 66 -37.52 -0.59 -26.81
N THR A 67 -38.02 -1.76 -26.43
CA THR A 67 -39.08 -2.45 -27.17
C THR A 67 -40.42 -1.70 -27.09
N LYS A 68 -40.66 -0.95 -26.02
CA LYS A 68 -41.90 -0.16 -25.86
C LYS A 68 -41.82 1.29 -26.40
N LEU A 69 -40.76 1.66 -27.11
CA LEU A 69 -40.57 3.04 -27.60
C LEU A 69 -41.49 3.39 -28.77
N ASN A 70 -41.64 2.46 -29.71
CA ASN A 70 -42.61 2.65 -30.82
C ASN A 70 -44.03 2.91 -30.32
N ASP A 71 -44.37 2.38 -29.14
CA ASP A 71 -45.69 2.54 -28.53
C ASP A 71 -45.86 3.78 -27.62
N LEU A 72 -44.85 4.63 -27.46
CA LEU A 72 -44.97 5.79 -26.55
C LEU A 72 -44.97 7.15 -27.26
N CYS A 73 -45.55 8.15 -26.59
CA CYS A 73 -45.62 9.53 -27.11
C CYS A 73 -44.81 10.44 -26.20
N PHE A 74 -43.77 11.05 -26.77
CA PHE A 74 -42.86 11.94 -26.04
C PHE A 74 -42.99 13.36 -26.58
N THR A 75 -42.91 14.34 -25.67
CA THR A 75 -42.98 15.77 -26.03
C THR A 75 -41.70 16.24 -26.72
N ASN A 76 -40.53 15.89 -26.16
CA ASN A 76 -39.21 16.15 -26.76
C ASN A 76 -38.42 14.84 -26.84
N VAL A 77 -37.68 14.66 -27.94
CA VAL A 77 -36.64 13.63 -28.02
C VAL A 77 -35.34 14.29 -28.45
N TYR A 78 -34.29 14.10 -27.66
CA TYR A 78 -32.94 14.61 -27.98
C TYR A 78 -31.98 13.46 -28.24
N ALA A 79 -31.11 13.65 -29.23
CA ALA A 79 -30.09 12.68 -29.59
C ALA A 79 -28.71 13.31 -29.41
N ASP A 80 -28.06 12.99 -28.29
CA ASP A 80 -26.70 13.47 -28.02
C ASP A 80 -25.69 12.48 -28.60
N SER A 81 -24.64 13.00 -29.23
CA SER A 81 -23.69 12.15 -29.91
C SER A 81 -22.26 12.69 -29.72
N PHE A 82 -21.34 11.76 -29.48
CA PHE A 82 -19.93 12.08 -29.31
C PHE A 82 -19.09 10.82 -29.39
N VAL A 83 -17.76 11.01 -29.41
CA VAL A 83 -16.80 9.92 -29.34
C VAL A 83 -16.00 9.99 -28.02
N ILE A 84 -15.84 8.82 -27.42
CA ILE A 84 -15.00 8.60 -26.25
C ILE A 84 -14.23 7.29 -26.45
N ARG A 85 -13.44 6.87 -25.47
CA ARG A 85 -12.73 5.60 -25.58
C ARG A 85 -13.43 4.50 -24.81
N GLY A 86 -13.05 3.27 -25.12
CA GLY A 86 -13.80 2.08 -24.72
C GLY A 86 -14.07 1.94 -23.24
N ASP A 87 -13.03 2.11 -22.43
CA ASP A 87 -13.18 1.95 -20.99
C ASP A 87 -13.87 3.14 -20.31
N GLU A 88 -14.24 4.16 -21.08
CA GLU A 88 -15.02 5.29 -20.58
C GLU A 88 -16.52 5.19 -20.85
N VAL A 89 -16.93 4.18 -21.62
CA VAL A 89 -18.34 4.00 -21.98
C VAL A 89 -19.22 3.80 -20.75
N ARG A 90 -18.69 3.12 -19.73
CA ARG A 90 -19.39 2.97 -18.45
C ARG A 90 -19.71 4.27 -17.73
N GLN A 91 -19.00 5.36 -18.03
CA GLN A 91 -19.31 6.67 -17.45
C GLN A 91 -20.58 7.33 -18.04
N ILE A 92 -21.06 6.84 -19.19
CA ILE A 92 -22.27 7.37 -19.81
C ILE A 92 -23.49 6.62 -19.23
N ALA A 93 -23.85 7.01 -18.01
CA ALA A 93 -24.93 6.38 -17.25
C ALA A 93 -25.24 7.28 -16.06
N PRO A 94 -26.47 7.20 -15.52
CA PRO A 94 -26.79 7.95 -14.28
C PRO A 94 -25.90 7.57 -13.12
N GLY A 95 -25.44 8.55 -12.36
CA GLY A 95 -24.70 8.30 -11.12
C GLY A 95 -23.27 7.82 -11.25
N GLN A 96 -22.63 8.09 -12.39
CA GLN A 96 -21.22 7.78 -12.60
C GLN A 96 -20.32 8.96 -12.23
N THR A 97 -19.09 8.64 -11.79
CA THR A 97 -17.99 9.61 -11.66
C THR A 97 -16.79 9.15 -12.51
N GLY A 98 -15.88 10.10 -12.75
CA GLY A 98 -14.73 9.95 -13.63
C GLY A 98 -14.56 11.16 -14.52
N LYS A 99 -13.52 11.11 -15.34
CA LYS A 99 -13.16 12.23 -16.21
C LYS A 99 -14.27 12.65 -17.17
N ILE A 100 -14.91 11.67 -17.80
CA ILE A 100 -15.98 11.96 -18.76
C ILE A 100 -17.25 12.42 -18.05
N ALA A 101 -17.66 11.69 -17.03
CA ALA A 101 -18.84 12.06 -16.26
C ALA A 101 -18.71 13.41 -15.55
N ASP A 102 -17.53 13.71 -15.00
CA ASP A 102 -17.35 14.93 -14.19
C ASP A 102 -17.04 16.16 -15.04
N TYR A 103 -16.29 15.99 -16.13
CA TYR A 103 -15.78 17.13 -16.89
C TYR A 103 -16.27 17.30 -18.34
N ASN A 104 -16.98 16.33 -18.91
CA ASN A 104 -17.30 16.36 -20.34
C ASN A 104 -18.77 16.15 -20.63
N TYR A 105 -19.34 15.05 -20.16
CA TYR A 105 -20.74 14.77 -20.37
C TYR A 105 -21.35 14.08 -19.16
N LYS A 106 -22.25 14.78 -18.48
CA LYS A 106 -22.90 14.30 -17.26
C LYS A 106 -24.39 13.97 -17.47
N LEU A 107 -24.74 12.70 -17.27
CA LEU A 107 -26.14 12.28 -17.31
C LEU A 107 -26.77 12.47 -15.93
N PRO A 108 -28.01 12.99 -15.89
CA PRO A 108 -28.69 13.21 -14.62
C PRO A 108 -29.11 11.92 -13.95
N ASP A 109 -29.27 11.97 -12.62
CA ASP A 109 -29.69 10.81 -11.83
C ASP A 109 -31.05 10.26 -12.26
N ASP A 110 -31.95 11.16 -12.65
CA ASP A 110 -33.30 10.78 -13.09
C ASP A 110 -33.43 10.62 -14.62
N PHE A 111 -32.31 10.42 -15.30
CA PHE A 111 -32.28 10.24 -16.75
C PHE A 111 -33.28 9.18 -17.17
N THR A 112 -34.15 9.54 -18.10
CA THR A 112 -35.05 8.58 -18.68
C THR A 112 -34.69 8.57 -20.16
N GLY A 113 -34.08 7.46 -20.61
CA GLY A 113 -33.55 7.37 -21.97
C GLY A 113 -32.66 6.17 -22.25
N CYS A 114 -32.04 6.17 -23.42
CA CYS A 114 -31.21 5.05 -23.88
C CYS A 114 -29.80 5.51 -24.23
N VAL A 115 -28.81 4.74 -23.77
CA VAL A 115 -27.39 4.95 -24.08
C VAL A 115 -26.90 3.86 -25.05
N ILE A 116 -26.45 4.28 -26.23
CA ILE A 116 -26.09 3.36 -27.31
C ILE A 116 -24.65 3.63 -27.73
N ALA A 117 -23.82 2.60 -27.75
CA ALA A 117 -22.42 2.75 -28.15
C ALA A 117 -21.90 1.59 -29.02
N TRP A 118 -20.95 1.91 -29.90
CA TRP A 118 -20.29 0.92 -30.74
C TRP A 118 -18.85 1.36 -31.05
N ASN A 119 -17.99 0.36 -31.24
CA ASN A 119 -16.56 0.52 -31.56
C ASN A 119 -16.45 1.15 -32.94
N SER A 120 -15.63 2.19 -33.06
CA SER A 120 -15.47 2.93 -34.33
C SER A 120 -14.00 3.01 -34.75
N ASN A 121 -13.24 1.95 -34.44
CA ASN A 121 -11.79 1.94 -34.67
C ASN A 121 -11.39 2.10 -36.13
N ASN A 122 -12.16 1.51 -37.04
CA ASN A 122 -11.97 1.71 -38.50
C ASN A 122 -12.20 3.15 -38.98
N LEU A 123 -13.15 3.86 -38.35
CA LEU A 123 -13.50 5.22 -38.74
C LEU A 123 -12.62 6.29 -38.08
N ASP A 124 -12.46 6.19 -36.76
CA ASP A 124 -11.91 7.29 -35.96
C ASP A 124 -10.42 7.16 -35.57
N SER A 125 -9.74 6.10 -36.04
CA SER A 125 -8.30 5.97 -35.84
C SER A 125 -7.52 6.36 -37.09
N LYS A 126 -6.34 6.91 -36.87
CA LYS A 126 -5.37 7.19 -37.92
C LYS A 126 -4.03 6.64 -37.45
N VAL A 127 -3.15 6.31 -38.40
CA VAL A 127 -1.90 5.60 -38.09
C VAL A 127 -0.92 6.44 -37.25
N GLY A 128 -0.82 7.73 -37.55
CA GLY A 128 -0.03 8.65 -36.70
C GLY A 128 -0.70 8.97 -35.38
N GLY A 129 -2.02 8.86 -35.35
CA GLY A 129 -2.85 9.24 -34.21
C GLY A 129 -3.89 10.23 -34.72
N ASN A 130 -5.17 9.98 -34.41
CA ASN A 130 -6.20 10.97 -34.70
C ASN A 130 -6.22 12.03 -33.62
N TYR A 131 -5.92 13.27 -34.00
CA TYR A 131 -5.97 14.41 -33.10
C TYR A 131 -7.21 15.30 -33.33
N ASN A 132 -8.22 14.73 -33.99
CA ASN A 132 -9.51 15.38 -34.23
C ASN A 132 -10.40 15.32 -32.98
N TYR A 133 -10.32 14.23 -32.22
CA TYR A 133 -11.18 14.01 -31.06
C TYR A 133 -10.52 14.40 -29.74
N LEU A 134 -11.24 15.24 -28.98
CA LEU A 134 -10.72 15.86 -27.75
C LEU A 134 -11.60 15.62 -26.53
N TYR A 135 -10.99 15.75 -25.37
CA TYR A 135 -11.72 15.73 -24.10
C TYR A 135 -11.12 16.75 -23.15
N ARG A 136 -11.96 17.27 -22.24
CA ARG A 136 -11.50 18.08 -21.12
C ARG A 136 -10.82 17.21 -20.06
N LEU A 137 -9.67 17.66 -19.60
CA LEU A 137 -8.85 16.93 -18.63
C LEU A 137 -9.23 17.22 -17.20
N PHE A 138 -9.64 18.46 -16.95
CA PHE A 138 -9.87 18.95 -15.61
C PHE A 138 -10.82 20.13 -15.61
N ARG A 139 -11.58 20.23 -14.53
CA ARG A 139 -12.46 21.34 -14.27
C ARG A 139 -12.50 21.56 -12.75
N LYS A 140 -12.47 22.83 -12.32
CA LYS A 140 -12.54 23.15 -10.88
C LYS A 140 -13.72 22.49 -10.20
N SER A 141 -14.86 22.53 -10.88
CA SER A 141 -16.07 21.92 -10.38
C SER A 141 -16.68 21.04 -11.45
N ASN A 142 -17.45 20.05 -11.00
CA ASN A 142 -18.09 19.08 -11.86
C ASN A 142 -19.21 19.71 -12.67
N LEU A 143 -19.38 19.19 -13.88
CA LEU A 143 -20.47 19.61 -14.76
C LEU A 143 -21.82 19.29 -14.14
N LYS A 144 -22.76 20.20 -14.31
CA LYS A 144 -24.16 19.88 -14.02
C LYS A 144 -24.67 18.88 -15.07
N PRO A 145 -25.71 18.12 -14.74
CA PRO A 145 -26.28 17.23 -15.73
C PRO A 145 -26.68 17.96 -17.03
N PHE A 146 -26.28 17.38 -18.15
CA PHE A 146 -26.52 17.93 -19.50
C PHE A 146 -25.86 19.30 -19.76
N GLU A 147 -24.87 19.68 -18.96
CA GLU A 147 -24.13 20.93 -19.18
C GLU A 147 -23.05 20.68 -20.23
N ARG A 148 -22.71 21.73 -20.98
CA ARG A 148 -21.64 21.68 -21.96
C ARG A 148 -20.68 22.83 -21.64
N ASP A 149 -19.40 22.50 -21.52
CA ASP A 149 -18.36 23.49 -21.33
C ASP A 149 -17.42 23.37 -22.53
N ILE A 150 -17.39 24.40 -23.36
CA ILE A 150 -16.53 24.46 -24.54
C ILE A 150 -15.47 25.56 -24.39
N SER A 151 -15.30 26.09 -23.18
CA SER A 151 -14.30 27.11 -22.91
C SER A 151 -12.91 26.47 -22.94
N THR A 152 -11.89 27.24 -23.37
CA THR A 152 -10.51 26.78 -23.39
C THR A 152 -9.62 27.76 -22.61
N GLU A 153 -10.06 28.12 -21.41
CA GLU A 153 -9.29 29.02 -20.54
C GLU A 153 -8.13 28.26 -19.93
N ILE A 154 -6.95 28.89 -19.91
CA ILE A 154 -5.78 28.31 -19.29
C ILE A 154 -6.06 28.26 -17.80
N TYR A 155 -5.80 27.11 -17.19
CA TYR A 155 -6.07 26.89 -15.78
C TYR A 155 -4.86 27.31 -14.91
N GLN A 156 -5.13 28.20 -13.95
CA GLN A 156 -4.11 28.69 -13.02
C GLN A 156 -4.03 27.78 -11.80
N ALA A 157 -3.01 26.92 -11.80
CA ALA A 157 -2.79 25.96 -10.72
C ALA A 157 -1.90 26.54 -9.61
N GLY A 158 -1.08 27.55 -9.94
CA GLY A 158 -0.21 28.22 -8.97
C GLY A 158 -0.66 29.65 -8.69
N SER A 159 0.25 30.45 -8.13
CA SER A 159 -0.06 31.85 -7.77
C SER A 159 0.32 32.88 -8.85
N THR A 160 1.09 32.47 -9.87
CA THR A 160 1.41 33.35 -11.00
C THR A 160 0.24 33.32 -12.00
N PRO A 161 -0.29 34.52 -12.37
CA PRO A 161 -1.29 34.56 -13.43
C PRO A 161 -0.74 34.07 -14.76
N CYS A 162 -1.59 33.41 -15.53
CA CYS A 162 -1.18 32.73 -16.76
C CYS A 162 -1.17 33.65 -17.95
N ASN A 163 -2.10 34.60 -17.97
CA ASN A 163 -2.09 35.63 -18.98
C ASN A 163 -2.36 35.03 -20.36
N GLY A 164 -3.25 34.05 -20.40
CA GLY A 164 -3.61 33.37 -21.64
C GLY A 164 -2.60 32.42 -22.24
N VAL A 165 -1.46 32.21 -21.57
CA VAL A 165 -0.40 31.37 -22.13
C VAL A 165 -0.12 30.11 -21.28
N GLU A 166 0.10 29.00 -21.98
CA GLU A 166 0.52 27.76 -21.36
C GLU A 166 1.92 27.92 -20.75
N GLY A 167 2.06 27.47 -19.51
CA GLY A 167 3.34 27.41 -18.83
C GLY A 167 3.28 26.44 -17.66
N PHE A 168 4.36 26.39 -16.88
CA PHE A 168 4.35 25.64 -15.63
C PHE A 168 3.31 26.26 -14.71
N ASN A 169 2.55 25.41 -14.00
CA ASN A 169 1.38 25.85 -13.24
C ASN A 169 0.33 26.64 -14.04
N CYS A 170 0.32 26.48 -15.37
CA CYS A 170 -0.55 27.24 -16.27
C CYS A 170 -0.97 26.38 -17.47
N TYR A 171 -2.12 25.71 -17.36
CA TYR A 171 -2.41 24.54 -18.19
C TYR A 171 -3.64 24.63 -19.06
N PHE A 172 -3.48 24.15 -20.29
CA PHE A 172 -4.56 24.06 -21.25
C PHE A 172 -5.47 22.91 -20.86
N PRO A 173 -6.79 23.15 -20.76
CA PRO A 173 -7.70 22.17 -20.15
C PRO A 173 -8.15 21.00 -21.02
N LEU A 174 -7.75 20.96 -22.29
CA LEU A 174 -8.13 19.85 -23.17
C LEU A 174 -6.92 19.04 -23.60
N GLN A 175 -7.21 17.83 -24.07
CA GLN A 175 -6.22 16.97 -24.71
C GLN A 175 -6.93 16.12 -25.76
N SER A 176 -6.17 15.62 -26.73
CA SER A 176 -6.68 14.67 -27.72
C SER A 176 -6.53 13.23 -27.29
N TYR A 177 -7.43 12.39 -27.79
CA TYR A 177 -7.34 10.94 -27.56
C TYR A 177 -6.18 10.27 -28.30
N GLY A 178 -5.78 10.84 -29.44
CA GLY A 178 -4.69 10.27 -30.25
C GLY A 178 -4.97 8.86 -30.77
N PHE A 179 -6.19 8.62 -31.23
CA PHE A 179 -6.61 7.26 -31.56
C PHE A 179 -5.75 6.64 -32.66
N GLN A 180 -5.30 5.42 -32.41
CA GLN A 180 -4.43 4.66 -33.31
C GLN A 180 -5.04 3.27 -33.48
N PRO A 181 -5.05 2.72 -34.72
CA PRO A 181 -5.66 1.41 -35.00
C PRO A 181 -5.14 0.27 -34.14
N THR A 182 -3.87 0.33 -33.77
CA THR A 182 -3.23 -0.69 -32.96
C THR A 182 -3.45 -0.56 -31.43
N ASN A 183 -4.17 0.48 -30.99
CA ASN A 183 -4.51 0.63 -29.57
C ASN A 183 -5.33 -0.56 -29.07
N GLY A 184 -5.26 -0.80 -27.77
CA GLY A 184 -6.12 -1.80 -27.12
C GLY A 184 -7.56 -1.31 -27.11
N VAL A 185 -8.49 -2.28 -27.04
CA VAL A 185 -9.94 -1.98 -27.10
C VAL A 185 -10.41 -0.97 -26.04
N GLY A 186 -9.77 -0.94 -24.88
CA GLY A 186 -10.04 0.07 -23.88
C GLY A 186 -9.73 1.48 -24.35
N TYR A 187 -8.64 1.63 -25.11
CA TYR A 187 -8.22 2.92 -25.68
C TYR A 187 -8.68 3.18 -27.12
N GLN A 188 -9.42 2.25 -27.72
CA GLN A 188 -9.98 2.47 -29.07
C GLN A 188 -11.21 3.38 -29.03
N PRO A 189 -11.50 4.09 -30.14
CA PRO A 189 -12.62 5.02 -30.16
C PRO A 189 -13.97 4.34 -30.23
N TYR A 190 -14.92 4.83 -29.42
CA TYR A 190 -16.29 4.33 -29.38
C TYR A 190 -17.26 5.47 -29.62
N ARG A 191 -18.14 5.32 -30.62
CA ARG A 191 -19.17 6.31 -30.92
C ARG A 191 -20.37 6.05 -30.02
N VAL A 192 -20.92 7.12 -29.44
CA VAL A 192 -22.02 7.03 -28.48
C VAL A 192 -23.19 7.89 -28.94
N VAL A 193 -24.40 7.38 -28.79
CA VAL A 193 -25.63 8.16 -29.00
C VAL A 193 -26.44 8.02 -27.75
N VAL A 194 -26.85 9.14 -27.18
CA VAL A 194 -27.69 9.13 -26.01
C VAL A 194 -29.03 9.70 -26.42
N LEU A 195 -30.07 8.87 -26.32
CA LEU A 195 -31.43 9.31 -26.61
C LEU A 195 -32.17 9.64 -25.31
N SER A 196 -32.58 10.90 -25.17
CA SER A 196 -33.37 11.35 -24.03
C SER A 196 -34.84 11.39 -24.45
N PHE A 197 -35.72 10.98 -23.53
CA PHE A 197 -37.17 10.97 -23.76
C PHE A 197 -37.88 11.78 -22.70
N GLU A 198 -38.54 12.87 -23.10
CA GLU A 198 -39.39 13.65 -22.21
C GLU A 198 -40.82 13.08 -22.27
N LEU A 199 -41.26 12.48 -21.16
CA LEU A 199 -42.49 11.66 -21.18
C LEU A 199 -43.78 12.48 -21.11
N LEU A 200 -44.78 12.04 -21.87
CA LEU A 200 -46.15 12.55 -21.82
C LEU A 200 -46.21 14.09 -21.79
N GLN B 1 -20.72 14.93 -4.99
CA GLN B 1 -20.24 13.61 -4.46
C GLN B 1 -21.30 12.95 -3.57
N VAL B 2 -21.53 11.66 -3.83
CA VAL B 2 -22.53 10.90 -3.12
C VAL B 2 -22.00 10.57 -1.73
N GLN B 3 -22.79 10.90 -0.71
CA GLN B 3 -22.45 10.53 0.67
C GLN B 3 -23.67 9.98 1.38
N LEU B 4 -23.47 8.86 2.09
CA LEU B 4 -24.47 8.27 2.95
C LEU B 4 -23.91 8.32 4.36
N VAL B 5 -24.58 9.04 5.24
CA VAL B 5 -24.13 9.25 6.61
C VAL B 5 -25.16 8.62 7.53
N GLN B 6 -24.72 7.61 8.27
CA GLN B 6 -25.59 6.88 9.21
C GLN B 6 -25.54 7.46 10.62
N SER B 7 -26.57 7.15 11.40
CA SER B 7 -26.63 7.51 12.82
C SER B 7 -25.67 6.67 13.68
N GLY B 8 -25.52 7.08 14.93
CA GLY B 8 -24.44 6.58 15.77
C GLY B 8 -24.72 5.25 16.45
N ALA B 9 -23.70 4.75 17.12
CA ALA B 9 -23.75 3.47 17.82
C ALA B 9 -24.89 3.41 18.84
N GLU B 10 -25.55 2.25 18.86
CA GLU B 10 -26.73 2.01 19.67
C GLU B 10 -26.44 0.85 20.60
N VAL B 11 -26.96 0.95 21.82
CA VAL B 11 -26.93 -0.13 22.79
C VAL B 11 -28.36 -0.37 23.25
N LYS B 12 -28.81 -1.62 23.15
CA LYS B 12 -30.21 -1.98 23.39
C LYS B 12 -30.32 -3.29 24.16
N LYS B 13 -31.34 -3.37 25.01
CA LYS B 13 -31.70 -4.61 25.72
C LYS B 13 -32.47 -5.53 24.74
N PRO B 14 -32.50 -6.85 25.00
CA PRO B 14 -33.31 -7.75 24.15
C PRO B 14 -34.82 -7.46 24.24
N GLY B 15 -35.51 -7.57 23.10
CA GLY B 15 -36.95 -7.26 23.04
C GLY B 15 -37.26 -5.81 22.73
N ALA B 16 -36.28 -4.93 22.90
CA ALA B 16 -36.39 -3.53 22.46
C ALA B 16 -36.23 -3.46 20.95
N SER B 17 -36.42 -2.26 20.41
CA SER B 17 -36.23 -1.99 19.00
C SER B 17 -35.18 -0.91 18.84
N VAL B 18 -34.58 -0.88 17.66
CA VAL B 18 -33.62 0.15 17.27
C VAL B 18 -34.03 0.70 15.91
N LYS B 19 -33.82 2.00 15.73
CA LYS B 19 -34.11 2.68 14.46
C LYS B 19 -32.84 3.38 13.97
N VAL B 20 -32.21 2.81 12.95
CA VAL B 20 -30.96 3.36 12.39
C VAL B 20 -31.34 4.22 11.19
N SER B 21 -30.72 5.39 11.07
CA SER B 21 -30.97 6.29 9.95
C SER B 21 -29.79 6.29 9.00
N CYS B 22 -30.08 6.67 7.76
CA CYS B 22 -29.09 6.79 6.70
C CYS B 22 -29.43 8.05 5.86
N LYS B 23 -28.69 9.14 6.11
CA LYS B 23 -28.92 10.42 5.47
C LYS B 23 -28.15 10.49 4.16
N ALA B 24 -28.86 10.63 3.05
CA ALA B 24 -28.24 10.71 1.72
C ALA B 24 -28.03 12.16 1.30
N SER B 25 -27.01 12.40 0.48
CA SER B 25 -26.80 13.70 -0.16
C SER B 25 -25.95 13.58 -1.44
N GLY B 26 -25.98 14.64 -2.24
CA GLY B 26 -25.24 14.67 -3.49
C GLY B 26 -25.86 13.95 -4.68
N TYR B 27 -27.14 13.59 -4.58
CA TYR B 27 -27.87 12.99 -5.69
C TYR B 27 -29.38 13.13 -5.52
N ILE B 28 -30.12 12.83 -6.57
CA ILE B 28 -31.58 12.85 -6.51
C ILE B 28 -32.07 11.60 -5.74
N PHE B 29 -32.38 11.82 -4.46
CA PHE B 29 -32.76 10.78 -3.49
C PHE B 29 -33.75 9.72 -3.99
N THR B 30 -34.78 10.16 -4.73
CA THR B 30 -35.82 9.28 -5.25
C THR B 30 -35.42 8.47 -6.51
N SER B 31 -34.24 8.72 -7.06
CA SER B 31 -33.83 7.98 -8.26
C SER B 31 -33.12 6.65 -7.99
N TYR B 32 -32.79 6.36 -6.72
CA TYR B 32 -32.04 5.15 -6.35
C TYR B 32 -32.65 4.42 -5.15
N SER B 33 -32.77 3.10 -5.27
CA SER B 33 -33.11 2.25 -4.12
C SER B 33 -32.01 2.19 -3.07
N MET B 34 -32.41 1.89 -1.85
CA MET B 34 -31.50 1.70 -0.73
C MET B 34 -31.73 0.31 -0.15
N HIS B 35 -30.64 -0.34 0.24
CA HIS B 35 -30.66 -1.66 0.79
C HIS B 35 -29.99 -1.57 2.14
N TRP B 36 -30.28 -2.53 3.01
CA TRP B 36 -29.57 -2.64 4.27
C TRP B 36 -28.90 -4.00 4.30
N VAL B 37 -27.64 -3.98 4.71
CA VAL B 37 -26.82 -5.18 4.86
C VAL B 37 -26.18 -5.13 6.23
N ARG B 38 -26.24 -6.22 6.97
CA ARG B 38 -25.60 -6.28 8.29
C ARG B 38 -24.47 -7.32 8.33
N GLN B 39 -23.63 -7.17 9.36
CA GLN B 39 -22.48 -8.04 9.55
C GLN B 39 -22.21 -8.14 11.03
N ALA B 40 -22.41 -9.34 11.57
CA ALA B 40 -21.98 -9.61 12.94
C ALA B 40 -20.45 -9.55 13.02
N PRO B 41 -19.89 -9.09 14.16
CA PRO B 41 -18.43 -8.97 14.29
C PRO B 41 -17.70 -10.27 13.96
N GLY B 42 -16.79 -10.21 12.98
CA GLY B 42 -15.99 -11.36 12.56
C GLY B 42 -16.66 -12.30 11.59
N GLN B 43 -17.89 -11.99 11.17
CA GLN B 43 -18.76 -12.91 10.43
C GLN B 43 -19.09 -12.34 9.05
N GLY B 44 -19.97 -13.02 8.32
CA GLY B 44 -20.32 -12.64 6.95
C GLY B 44 -21.36 -11.54 6.78
N LEU B 45 -21.54 -11.11 5.54
CA LEU B 45 -22.49 -10.06 5.19
C LEU B 45 -23.87 -10.69 5.03
N GLU B 46 -24.88 -10.03 5.60
CA GLU B 46 -26.24 -10.51 5.53
C GLU B 46 -27.16 -9.43 4.99
N TRP B 47 -27.79 -9.74 3.86
CA TRP B 47 -28.77 -8.86 3.23
C TRP B 47 -30.08 -8.88 4.01
N MET B 48 -30.58 -7.69 4.36
CA MET B 48 -31.80 -7.56 5.15
C MET B 48 -33.04 -7.24 4.32
N GLY B 49 -32.88 -6.35 3.34
CA GLY B 49 -34.01 -5.88 2.55
C GLY B 49 -33.69 -4.62 1.79
N THR B 50 -34.71 -4.02 1.19
CA THR B 50 -34.54 -2.81 0.39
C THR B 50 -35.79 -1.96 0.40
N ILE B 51 -35.62 -0.65 0.26
CA ILE B 51 -36.75 0.26 0.06
C ILE B 51 -36.49 1.05 -1.21
N LYS B 52 -37.55 1.28 -1.98
CA LYS B 52 -37.50 2.08 -3.19
C LYS B 52 -38.18 3.44 -2.89
N PRO B 53 -37.40 4.51 -2.64
CA PRO B 53 -37.99 5.77 -2.14
C PRO B 53 -39.00 6.46 -3.08
N SER B 54 -38.92 6.20 -4.38
CA SER B 54 -39.83 6.79 -5.34
C SER B 54 -41.30 6.45 -5.03
N ASP B 55 -41.59 5.16 -4.84
CA ASP B 55 -42.95 4.69 -4.52
C ASP B 55 -43.14 4.09 -3.12
N ASP B 56 -42.10 4.12 -2.30
CA ASP B 56 -42.14 3.59 -0.94
C ASP B 56 -42.34 2.05 -0.85
N SER B 57 -42.02 1.32 -1.93
CA SER B 57 -42.19 -0.14 -1.94
C SER B 57 -41.02 -0.76 -1.18
N THR B 58 -41.24 -1.92 -0.59
CA THR B 58 -40.20 -2.60 0.20
C THR B 58 -40.19 -4.09 -0.10
N ASN B 59 -39.07 -4.71 0.23
CA ASN B 59 -38.88 -6.13 0.03
C ASN B 59 -37.84 -6.58 1.05
N TYR B 60 -38.25 -7.43 1.98
CA TYR B 60 -37.39 -7.90 3.06
C TYR B 60 -36.98 -9.36 2.86
N ALA B 61 -35.85 -9.72 3.45
CA ALA B 61 -35.48 -11.14 3.54
C ALA B 61 -36.46 -11.82 4.53
N GLN B 62 -36.73 -13.10 4.28
CA GLN B 62 -37.77 -13.79 5.02
C GLN B 62 -37.53 -13.83 6.52
N LYS B 63 -36.30 -14.07 6.94
CA LYS B 63 -36.00 -14.12 8.37
C LYS B 63 -36.21 -12.80 9.13
N PHE B 64 -36.39 -11.69 8.41
CA PHE B 64 -36.76 -10.42 9.02
C PHE B 64 -38.22 -10.00 8.82
N GLN B 65 -38.89 -10.57 7.82
CA GLN B 65 -40.32 -10.31 7.57
C GLN B 65 -41.15 -10.32 8.87
N GLY B 66 -41.86 -9.22 9.15
CA GLY B 66 -42.60 -9.04 10.40
C GLY B 66 -41.84 -8.35 11.53
N ARG B 67 -40.51 -8.27 11.40
CA ARG B 67 -39.64 -7.72 12.43
C ARG B 67 -38.92 -6.42 12.01
N VAL B 68 -38.79 -6.18 10.71
CA VAL B 68 -38.08 -5.03 10.17
C VAL B 68 -39.05 -4.11 9.43
N SER B 69 -38.80 -2.81 9.53
CA SER B 69 -39.59 -1.80 8.83
C SER B 69 -38.62 -0.80 8.25
N MET B 70 -38.62 -0.69 6.91
CA MET B 70 -37.81 0.28 6.22
C MET B 70 -38.71 1.41 5.74
N THR B 71 -38.34 2.63 6.08
CA THR B 71 -39.11 3.82 5.72
C THR B 71 -38.19 4.82 5.06
N ARG B 72 -38.81 5.90 4.58
CA ARG B 72 -38.06 6.99 3.97
C ARG B 72 -38.71 8.36 4.12
N ASP B 73 -37.92 9.37 4.40
CA ASP B 73 -38.36 10.76 4.45
C ASP B 73 -37.68 11.47 3.30
N THR B 74 -38.45 11.80 2.27
CA THR B 74 -37.92 12.51 1.11
C THR B 74 -37.62 13.98 1.43
N SER B 75 -38.40 14.59 2.31
CA SER B 75 -38.14 15.98 2.71
C SER B 75 -36.72 16.16 3.29
N THR B 76 -36.19 15.12 3.98
CA THR B 76 -34.81 15.13 4.52
C THR B 76 -33.79 14.16 3.85
N SER B 77 -34.18 13.51 2.75
CA SER B 77 -33.31 12.54 2.04
C SER B 77 -32.74 11.43 2.96
N THR B 78 -33.59 10.89 3.83
CA THR B 78 -33.17 9.94 4.86
C THR B 78 -33.97 8.65 4.73
N VAL B 79 -33.27 7.53 4.81
CA VAL B 79 -33.86 6.18 4.87
C VAL B 79 -33.66 5.66 6.28
N TYR B 80 -34.62 4.89 6.77
CA TYR B 80 -34.55 4.31 8.10
C TYR B 80 -34.77 2.82 8.06
N MET B 81 -34.01 2.10 8.89
CA MET B 81 -34.26 0.69 9.16
C MET B 81 -34.58 0.56 10.63
N GLU B 82 -35.79 0.04 10.91
CA GLU B 82 -36.22 -0.24 12.27
C GLU B 82 -36.34 -1.75 12.46
N LEU B 83 -35.58 -2.29 13.42
CA LEU B 83 -35.62 -3.71 13.74
C LEU B 83 -36.15 -3.85 15.15
N SER B 84 -37.22 -4.64 15.30
CA SER B 84 -37.94 -4.82 16.56
C SER B 84 -37.60 -6.17 17.18
N SER B 85 -38.04 -6.34 18.43
CA SER B 85 -37.85 -7.59 19.16
C SER B 85 -36.40 -8.05 19.11
N LEU B 86 -35.49 -7.16 19.48
CA LEU B 86 -34.06 -7.42 19.26
C LEU B 86 -33.58 -8.63 20.06
N ARG B 87 -32.68 -9.40 19.44
CA ARG B 87 -32.04 -10.57 20.03
C ARG B 87 -30.54 -10.34 20.15
N TYR B 88 -29.86 -11.18 20.94
CA TYR B 88 -28.40 -11.11 21.05
C TYR B 88 -27.71 -11.27 19.68
N GLU B 89 -28.21 -12.18 18.84
CA GLU B 89 -27.62 -12.39 17.51
C GLU B 89 -27.91 -11.28 16.49
N ASP B 90 -28.79 -10.32 16.84
CA ASP B 90 -28.91 -9.05 16.09
C ASP B 90 -27.73 -8.08 16.28
N THR B 91 -26.89 -8.32 17.27
CA THR B 91 -25.65 -7.57 17.43
C THR B 91 -24.83 -7.61 16.13
N ALA B 92 -24.66 -6.44 15.51
CA ALA B 92 -23.99 -6.34 14.21
C ALA B 92 -23.76 -4.89 13.83
N VAL B 93 -22.91 -4.70 12.82
CA VAL B 93 -22.80 -3.44 12.12
C VAL B 93 -23.81 -3.47 10.99
N TYR B 94 -24.66 -2.45 10.94
CA TYR B 94 -25.69 -2.32 9.92
C TYR B 94 -25.28 -1.23 8.93
N TYR B 95 -25.25 -1.58 7.66
CA TYR B 95 -24.89 -0.64 6.60
C TYR B 95 -26.12 -0.34 5.75
N CYS B 96 -26.32 0.93 5.39
CA CYS B 96 -27.15 1.28 4.25
C CYS B 96 -26.23 1.32 3.04
N ALA B 97 -26.77 0.90 1.91
CA ALA B 97 -26.05 0.88 0.65
C ALA B 97 -27.02 1.33 -0.43
N ARG B 98 -26.50 2.10 -1.39
CA ARG B 98 -27.28 2.56 -2.51
C ARG B 98 -27.12 1.59 -3.66
N GLU B 99 -28.22 1.31 -4.34
CA GLU B 99 -28.19 0.50 -5.56
C GLU B 99 -28.11 1.42 -6.77
N ALA B 100 -27.06 1.27 -7.58
CA ALA B 100 -26.98 1.98 -8.85
C ALA B 100 -28.22 1.66 -9.70
N ARG B 101 -28.61 2.59 -10.56
CA ARG B 101 -29.83 2.42 -11.33
C ARG B 101 -29.72 1.23 -12.28
N GLY B 102 -30.77 0.42 -12.30
CA GLY B 102 -30.90 -0.68 -13.26
C GLY B 102 -31.31 -0.19 -14.63
N TYR B 103 -31.28 -1.08 -15.60
CA TYR B 103 -31.55 -0.74 -16.98
C TYR B 103 -32.29 -1.86 -17.72
N TYR B 104 -32.83 -1.51 -18.89
CA TYR B 104 -33.45 -2.44 -19.81
C TYR B 104 -32.51 -2.62 -20.97
N ASP B 105 -32.22 -3.87 -21.34
CA ASP B 105 -31.41 -4.18 -22.53
C ASP B 105 -32.26 -4.08 -23.81
N ARG B 106 -31.64 -4.35 -24.97
CA ARG B 106 -32.30 -4.15 -26.28
C ARG B 106 -33.57 -4.99 -26.51
N SER B 107 -33.58 -6.18 -25.91
CA SER B 107 -34.72 -7.09 -25.98
C SER B 107 -35.66 -6.96 -24.77
N GLY B 108 -35.50 -5.88 -24.00
CA GLY B 108 -36.49 -5.49 -23.00
C GLY B 108 -36.40 -6.15 -21.65
N TYR B 109 -35.36 -6.95 -21.40
CA TYR B 109 -35.20 -7.58 -20.08
C TYR B 109 -34.59 -6.60 -19.10
N TYR B 110 -35.02 -6.69 -17.86
CA TYR B 110 -34.58 -5.78 -16.83
C TYR B 110 -33.35 -6.33 -16.12
N HIS B 111 -32.31 -5.49 -16.07
CA HIS B 111 -31.07 -5.77 -15.32
C HIS B 111 -31.06 -4.88 -14.07
N PRO B 112 -31.04 -5.48 -12.87
CA PRO B 112 -30.96 -4.65 -11.67
C PRO B 112 -29.54 -4.10 -11.45
N GLY B 113 -29.41 -3.25 -10.44
CA GLY B 113 -28.15 -2.59 -10.14
C GLY B 113 -27.19 -3.37 -9.29
N TYR B 114 -26.31 -2.61 -8.64
CA TYR B 114 -25.30 -3.11 -7.72
C TYR B 114 -25.05 -2.01 -6.67
N PHE B 115 -24.30 -2.34 -5.61
CA PHE B 115 -24.02 -1.33 -4.57
C PHE B 115 -22.81 -0.47 -4.98
N ASP B 116 -23.06 0.83 -5.20
CA ASP B 116 -22.03 1.78 -5.66
C ASP B 116 -21.55 2.75 -4.57
N TYR B 117 -22.37 3.01 -3.56
CA TYR B 117 -21.97 3.80 -2.39
C TYR B 117 -22.53 3.16 -1.14
N TRP B 118 -21.82 3.35 -0.03
CA TRP B 118 -22.15 2.74 1.25
C TRP B 118 -22.05 3.80 2.33
N GLY B 119 -22.84 3.62 3.39
CA GLY B 119 -22.68 4.39 4.60
C GLY B 119 -21.49 3.88 5.40
N GLN B 120 -21.16 4.57 6.47
CA GLN B 120 -20.01 4.20 7.30
C GLN B 120 -20.29 3.00 8.23
N GLY B 121 -21.57 2.67 8.40
CA GLY B 121 -21.99 1.55 9.25
C GLY B 121 -22.50 2.08 10.58
N THR B 122 -23.39 1.29 11.20
CA THR B 122 -23.89 1.59 12.55
C THR B 122 -23.85 0.32 13.40
N LEU B 123 -23.07 0.37 14.48
CA LEU B 123 -22.97 -0.77 15.38
C LEU B 123 -24.20 -0.76 16.25
N VAL B 124 -24.89 -1.90 16.27
CA VAL B 124 -25.94 -2.13 17.23
C VAL B 124 -25.47 -3.28 18.12
N THR B 125 -25.44 -3.05 19.43
CA THR B 125 -25.05 -4.05 20.41
C THR B 125 -26.28 -4.38 21.24
N VAL B 126 -26.71 -5.64 21.17
CA VAL B 126 -27.83 -6.13 21.97
C VAL B 126 -27.26 -6.98 23.09
N SER B 127 -27.46 -6.51 24.32
CA SER B 127 -27.00 -7.20 25.52
C SER B 127 -27.98 -6.94 26.64
N SER B 128 -28.04 -7.85 27.60
CA SER B 128 -28.84 -7.65 28.81
C SER B 128 -28.08 -6.83 29.85
N ALA B 129 -26.85 -6.42 29.56
CA ALA B 129 -26.06 -5.64 30.50
C ALA B 129 -26.51 -4.18 30.56
N SER B 130 -26.35 -3.59 31.74
CA SER B 130 -26.53 -2.17 31.96
C SER B 130 -25.15 -1.55 32.15
N THR B 131 -25.10 -0.23 31.95
CA THR B 131 -23.86 0.54 32.07
C THR B 131 -23.14 0.28 33.40
N LYS B 132 -21.83 0.07 33.32
CA LYS B 132 -21.02 -0.24 34.50
C LYS B 132 -19.56 0.18 34.25
N GLY B 133 -19.00 0.95 35.18
CA GLY B 133 -17.62 1.41 35.10
C GLY B 133 -16.64 0.30 35.44
N PRO B 134 -15.42 0.36 34.84
CA PRO B 134 -14.44 -0.67 35.11
C PRO B 134 -13.78 -0.53 36.47
N SER B 135 -13.26 -1.65 36.95
CA SER B 135 -12.23 -1.66 37.96
C SER B 135 -10.88 -1.76 37.23
N VAL B 136 -9.88 -1.06 37.74
CA VAL B 136 -8.57 -1.00 37.09
C VAL B 136 -7.55 -1.66 37.99
N PHE B 137 -6.78 -2.60 37.45
CA PHE B 137 -5.76 -3.33 38.24
C PHE B 137 -4.38 -3.16 37.59
N PRO B 138 -3.34 -2.99 38.41
CA PRO B 138 -2.01 -2.82 37.85
C PRO B 138 -1.43 -4.16 37.38
N LEU B 139 -0.75 -4.13 36.23
CA LEU B 139 0.03 -5.26 35.73
C LEU B 139 1.49 -4.87 35.91
N ALA B 140 2.05 -5.26 37.05
CA ALA B 140 3.34 -4.76 37.48
C ALA B 140 4.50 -5.37 36.67
N PRO B 141 5.61 -4.61 36.50
CA PRO B 141 6.79 -5.16 35.86
C PRO B 141 7.55 -6.07 36.83
N SER B 142 8.17 -7.11 36.31
CA SER B 142 9.03 -7.97 37.13
C SER B 142 10.25 -8.36 36.31
N SER B 143 11.04 -9.29 36.84
CA SER B 143 12.03 -10.01 36.04
C SER B 143 11.39 -10.80 34.88
N LYS B 144 10.18 -11.29 35.10
CA LYS B 144 9.45 -12.09 34.07
C LYS B 144 8.71 -11.27 33.00
N SER B 145 8.69 -9.94 33.14
CA SER B 145 8.24 -9.04 32.06
C SER B 145 9.41 -8.31 31.35
N THR B 146 10.66 -8.65 31.70
CA THR B 146 11.87 -8.01 31.10
C THR B 146 12.65 -8.95 30.17
N SER B 147 13.12 -8.39 29.06
CA SER B 147 14.02 -9.11 28.12
C SER B 147 14.69 -8.11 27.17
N GLY B 148 16.01 -8.20 27.03
CA GLY B 148 16.77 -7.31 26.14
C GLY B 148 16.75 -5.82 26.52
N GLY B 149 16.74 -5.54 27.83
CA GLY B 149 16.80 -4.17 28.33
C GLY B 149 15.52 -3.36 28.38
N THR B 150 14.38 -4.00 28.05
CA THR B 150 13.06 -3.35 28.19
C THR B 150 12.11 -4.19 29.02
N ALA B 151 11.24 -3.50 29.75
CA ALA B 151 10.25 -4.10 30.63
C ALA B 151 8.86 -3.75 30.15
N ALA B 152 7.92 -4.66 30.37
CA ALA B 152 6.52 -4.45 30.02
C ALA B 152 5.68 -4.17 31.28
N LEU B 153 4.79 -3.19 31.14
CA LEU B 153 3.89 -2.71 32.19
C LEU B 153 2.51 -2.54 31.69
N GLY B 154 1.52 -2.65 32.56
CA GLY B 154 0.18 -2.47 32.12
C GLY B 154 -0.86 -2.19 33.16
N CYS B 155 -2.06 -1.96 32.66
CA CYS B 155 -3.26 -1.87 33.45
C CYS B 155 -4.29 -2.83 32.89
N LEU B 156 -4.98 -3.51 33.79
CA LEU B 156 -6.10 -4.39 33.45
C LEU B 156 -7.37 -3.58 33.73
N VAL B 157 -8.17 -3.37 32.69
CA VAL B 157 -9.40 -2.61 32.79
C VAL B 157 -10.53 -3.63 32.72
N LYS B 158 -11.07 -3.99 33.88
CA LYS B 158 -11.92 -5.18 34.02
C LYS B 158 -13.39 -4.83 34.27
N ASP B 159 -14.29 -5.60 33.65
CA ASP B 159 -15.71 -5.61 33.99
C ASP B 159 -16.46 -4.29 33.74
N TYR B 160 -16.43 -3.82 32.50
CA TYR B 160 -17.19 -2.63 32.13
C TYR B 160 -18.15 -2.89 30.99
N PHE B 161 -19.20 -2.08 30.95
CA PHE B 161 -20.14 -2.07 29.85
C PHE B 161 -20.71 -0.67 29.71
N PRO B 162 -20.99 -0.20 28.46
CA PRO B 162 -20.54 -0.76 27.16
C PRO B 162 -19.18 -0.33 26.75
N GLU B 163 -18.83 -0.60 25.51
CA GLU B 163 -17.60 -0.10 24.98
C GLU B 163 -17.89 1.37 24.74
N PRO B 164 -16.83 2.24 24.55
CA PRO B 164 -15.40 1.98 24.70
C PRO B 164 -14.69 2.46 25.94
N VAL B 165 -13.47 2.01 26.11
CA VAL B 165 -12.67 2.49 27.20
C VAL B 165 -11.41 3.00 26.51
N THR B 166 -10.96 4.18 26.85
CA THR B 166 -9.68 4.70 26.35
C THR B 166 -8.66 4.76 27.47
N VAL B 167 -7.40 4.50 27.14
CA VAL B 167 -6.30 4.51 28.11
C VAL B 167 -5.13 5.34 27.59
N SER B 168 -4.70 6.31 28.37
CA SER B 168 -3.42 6.99 28.15
C SER B 168 -2.49 6.64 29.30
N TRP B 169 -1.24 7.09 29.20
CA TRP B 169 -0.22 6.91 30.23
C TRP B 169 0.45 8.24 30.59
N ASN B 170 0.71 8.42 31.90
CA ASN B 170 1.29 9.64 32.48
C ASN B 170 0.65 10.93 31.94
N SER B 171 -0.68 10.93 31.96
CA SER B 171 -1.51 12.03 31.45
C SER B 171 -1.21 12.44 30.02
N GLY B 172 -0.91 11.47 29.15
CA GLY B 172 -0.57 11.75 27.75
C GLY B 172 0.92 11.94 27.45
N ALA B 173 1.75 12.09 28.49
CA ALA B 173 3.19 12.30 28.33
C ALA B 173 3.96 11.08 27.83
N LEU B 174 3.39 9.88 27.98
CA LEU B 174 4.00 8.64 27.49
C LEU B 174 3.17 8.07 26.36
N THR B 175 3.74 8.01 25.16
CA THR B 175 3.07 7.45 23.97
C THR B 175 3.84 6.35 23.23
N SER B 176 5.16 6.33 23.37
CA SER B 176 5.98 5.29 22.73
C SER B 176 5.91 3.97 23.51
N GLY B 177 5.76 2.87 22.78
CA GLY B 177 5.66 1.55 23.39
C GLY B 177 4.28 1.19 23.93
N VAL B 178 3.32 2.10 23.82
CA VAL B 178 1.96 1.91 24.32
C VAL B 178 1.21 1.03 23.34
N HIS B 179 0.56 0.00 23.86
CA HIS B 179 -0.32 -0.84 23.10
C HIS B 179 -1.53 -1.24 23.93
N THR B 180 -2.65 -0.56 23.68
CA THR B 180 -3.92 -0.93 24.27
C THR B 180 -4.57 -1.95 23.38
N PHE B 181 -4.84 -3.14 23.93
CA PHE B 181 -5.40 -4.26 23.19
C PHE B 181 -6.91 -4.12 23.07
N PRO B 182 -7.52 -4.72 22.02
CA PRO B 182 -8.97 -4.82 21.93
C PRO B 182 -9.62 -5.56 23.10
N ALA B 183 -10.86 -5.18 23.40
CA ALA B 183 -11.58 -5.75 24.51
C ALA B 183 -11.99 -7.21 24.23
N VAL B 184 -11.89 -8.01 25.29
CA VAL B 184 -12.47 -9.34 25.35
C VAL B 184 -13.86 -9.19 25.99
N LEU B 185 -14.83 -9.93 25.46
CA LEU B 185 -16.16 -10.04 26.06
C LEU B 185 -16.20 -11.34 26.86
N GLN B 186 -16.33 -11.22 28.18
CA GLN B 186 -16.27 -12.38 29.07
C GLN B 186 -17.63 -13.05 29.21
N SER B 187 -17.62 -14.26 29.73
CA SER B 187 -18.86 -15.02 29.89
C SER B 187 -19.82 -14.31 30.88
N SER B 188 -19.28 -13.42 31.72
CA SER B 188 -20.11 -12.51 32.53
C SER B 188 -20.94 -11.47 31.74
N GLY B 189 -20.67 -11.31 30.44
CA GLY B 189 -21.35 -10.30 29.62
C GLY B 189 -20.81 -8.87 29.79
N LEU B 190 -19.62 -8.75 30.39
CA LEU B 190 -18.93 -7.48 30.54
C LEU B 190 -17.56 -7.55 29.87
N TYR B 191 -17.10 -6.41 29.36
CA TYR B 191 -15.82 -6.30 28.68
C TYR B 191 -14.65 -6.16 29.64
N SER B 192 -13.51 -6.73 29.24
CA SER B 192 -12.22 -6.42 29.84
C SER B 192 -11.22 -6.12 28.72
N LEU B 193 -10.25 -5.24 29.02
CA LEU B 193 -9.09 -5.01 28.14
C LEU B 193 -7.86 -4.77 28.98
N SER B 194 -6.70 -4.86 28.34
CA SER B 194 -5.43 -4.48 28.97
C SER B 194 -4.66 -3.47 28.13
N SER B 195 -3.95 -2.56 28.79
CA SER B 195 -3.06 -1.60 28.12
C SER B 195 -1.65 -1.84 28.61
N VAL B 196 -0.76 -2.24 27.71
CA VAL B 196 0.62 -2.54 28.04
C VAL B 196 1.54 -1.49 27.42
N VAL B 197 2.54 -1.06 28.19
CA VAL B 197 3.58 -0.14 27.71
C VAL B 197 4.95 -0.76 27.99
N THR B 198 5.80 -0.80 26.96
CA THR B 198 7.16 -1.31 27.10
C THR B 198 8.12 -0.13 27.29
N VAL B 199 8.87 -0.15 28.39
CA VAL B 199 9.73 0.97 28.78
C VAL B 199 11.16 0.46 28.97
N PRO B 200 12.14 1.37 29.10
CA PRO B 200 13.47 0.98 29.54
C PRO B 200 13.47 0.36 30.95
N SER B 201 14.06 -0.83 31.06
CA SER B 201 14.22 -1.51 32.36
C SER B 201 14.85 -0.63 33.42
N SER B 202 15.82 0.20 33.00
CA SER B 202 16.51 1.14 33.86
C SER B 202 15.59 2.14 34.57
N SER B 203 14.48 2.51 33.93
CA SER B 203 13.59 3.54 34.49
C SER B 203 12.66 3.09 35.62
N LEU B 204 12.62 1.81 35.95
CA LEU B 204 11.63 1.29 36.92
C LEU B 204 11.76 1.87 38.33
N GLY B 205 13.00 2.10 38.78
CA GLY B 205 13.23 2.76 40.06
C GLY B 205 13.06 4.27 40.06
N THR B 206 13.01 4.87 38.88
CA THR B 206 13.07 6.33 38.72
C THR B 206 11.87 7.02 38.03
N GLN B 207 11.18 6.33 37.13
CA GLN B 207 10.01 6.90 36.45
C GLN B 207 8.71 6.33 37.01
N THR B 208 7.80 7.23 37.38
CA THR B 208 6.47 6.84 37.82
C THR B 208 5.60 6.62 36.59
N TYR B 209 4.86 5.52 36.59
CA TYR B 209 4.00 5.14 35.49
C TYR B 209 2.58 5.03 36.02
N ILE B 210 1.67 5.77 35.38
CA ILE B 210 0.28 5.89 35.79
C ILE B 210 -0.56 5.71 34.54
N CYS B 211 -1.53 4.80 34.57
CA CYS B 211 -2.48 4.69 33.45
C CYS B 211 -3.72 5.50 33.80
N ASN B 212 -4.23 6.20 32.78
CA ASN B 212 -5.39 7.05 32.92
C ASN B 212 -6.49 6.38 32.13
N VAL B 213 -7.49 5.85 32.84
CA VAL B 213 -8.57 5.08 32.23
C VAL B 213 -9.83 5.92 32.22
N ASN B 214 -10.40 6.09 31.04
CA ASN B 214 -11.64 6.84 30.85
C ASN B 214 -12.70 5.93 30.23
N HIS B 215 -13.84 5.86 30.90
CA HIS B 215 -15.02 5.17 30.39
C HIS B 215 -16.17 6.18 30.48
N LYS B 216 -16.48 6.78 29.33
CA LYS B 216 -17.49 7.86 29.27
C LYS B 216 -18.91 7.44 29.67
N PRO B 217 -19.41 6.28 29.17
CA PRO B 217 -20.78 5.86 29.52
C PRO B 217 -21.11 5.83 31.02
N SER B 218 -20.13 5.54 31.87
CA SER B 218 -20.31 5.52 33.34
C SER B 218 -19.73 6.72 34.09
N ASN B 219 -19.24 7.73 33.35
CA ASN B 219 -18.48 8.86 33.94
C ASN B 219 -17.37 8.39 34.89
N THR B 220 -16.57 7.43 34.42
CA THR B 220 -15.49 6.86 35.20
C THR B 220 -14.17 7.42 34.66
N LYS B 221 -13.44 8.11 35.54
CA LYS B 221 -12.07 8.52 35.32
C LYS B 221 -11.26 7.91 36.47
N VAL B 222 -10.33 7.02 36.13
CA VAL B 222 -9.47 6.36 37.13
C VAL B 222 -7.99 6.52 36.73
N ASP B 223 -7.16 6.95 37.69
CA ASP B 223 -5.72 6.98 37.53
C ASP B 223 -5.17 5.84 38.34
N LYS B 224 -4.36 4.98 37.72
CA LYS B 224 -3.73 3.90 38.45
C LYS B 224 -2.21 3.87 38.30
N LYS B 225 -1.52 4.15 39.42
CA LYS B 225 -0.08 4.00 39.50
C LYS B 225 0.30 2.53 39.45
N VAL B 226 1.12 2.17 38.47
CA VAL B 226 1.63 0.81 38.29
C VAL B 226 3.03 0.73 38.89
N GLU B 227 3.11 0.17 40.09
CA GLU B 227 4.37 0.09 40.84
C GLU B 227 5.16 -1.15 40.48
N PRO B 228 6.50 -1.03 40.47
CA PRO B 228 7.34 -2.17 40.18
C PRO B 228 7.39 -3.18 41.32
N LYS B 229 7.46 -4.45 40.96
CA LYS B 229 7.72 -5.54 41.92
C LYS B 229 9.23 -5.72 42.13
N SER B 230 9.59 -6.30 43.26
CA SER B 230 10.98 -6.70 43.55
C SER B 230 11.20 -8.19 43.26
N CYS B 231 10.71 -8.68 42.10
CA CYS B 231 10.85 -10.09 41.71
C CYS B 231 12.03 -10.27 40.75
N ASP B 232 12.87 -11.27 41.07
CA ASP B 232 14.09 -11.59 40.34
C ASP B 232 14.17 -13.09 40.03
N GLN C 1 -33.18 -17.53 2.30
CA GLN C 1 -32.73 -18.25 1.07
C GLN C 1 -31.44 -19.02 1.35
N SER C 2 -31.07 -19.91 0.41
CA SER C 2 -29.88 -20.76 0.56
C SER C 2 -28.62 -19.92 0.47
N VAL C 3 -27.84 -19.87 1.55
CA VAL C 3 -26.57 -19.11 1.58
C VAL C 3 -25.59 -19.78 0.62
N LEU C 4 -24.89 -18.96 -0.16
CA LEU C 4 -24.04 -19.42 -1.26
C LEU C 4 -22.70 -19.88 -0.67
N THR C 5 -22.19 -21.00 -1.16
CA THR C 5 -21.02 -21.64 -0.55
C THR C 5 -19.70 -21.17 -1.20
N GLN C 6 -18.81 -20.61 -0.38
CA GLN C 6 -17.46 -20.22 -0.79
C GLN C 6 -16.41 -20.90 0.09
N PRO C 7 -15.19 -21.14 -0.43
CA PRO C 7 -14.09 -21.60 0.42
C PRO C 7 -13.84 -20.63 1.57
N ALA C 8 -13.62 -21.15 2.78
CA ALA C 8 -13.31 -20.31 3.95
C ALA C 8 -12.09 -19.41 3.70
N SER C 9 -11.08 -19.97 3.02
CA SER C 9 -9.89 -19.22 2.62
C SER C 9 -9.17 -19.81 1.40
N VAL C 10 -8.52 -18.93 0.63
CA VAL C 10 -7.52 -19.33 -0.36
C VAL C 10 -6.28 -18.47 -0.19
N SER C 11 -5.18 -18.93 -0.79
CA SER C 11 -3.92 -18.17 -0.74
C SER C 11 -3.15 -18.30 -2.05
N GLY C 12 -2.34 -17.29 -2.35
CA GLY C 12 -1.48 -17.26 -3.52
C GLY C 12 -0.26 -16.39 -3.31
N SER C 13 0.76 -16.61 -4.13
CA SER C 13 1.99 -15.81 -4.09
C SER C 13 1.80 -14.59 -5.00
N PRO C 14 2.44 -13.45 -4.66
CA PRO C 14 2.33 -12.26 -5.52
C PRO C 14 2.71 -12.53 -6.96
N GLY C 15 1.98 -11.92 -7.89
CA GLY C 15 2.17 -12.15 -9.31
C GLY C 15 1.35 -13.28 -9.90
N GLN C 16 0.87 -14.21 -9.06
CA GLN C 16 0.11 -15.38 -9.54
C GLN C 16 -1.39 -15.10 -9.62
N SER C 17 -2.10 -16.01 -10.27
CA SER C 17 -3.56 -15.95 -10.36
C SER C 17 -4.20 -16.89 -9.36
N ILE C 18 -5.08 -16.36 -8.51
CA ILE C 18 -5.97 -17.17 -7.66
C ILE C 18 -7.41 -17.10 -8.14
N THR C 19 -8.21 -18.05 -7.66
CA THR C 19 -9.61 -18.18 -8.03
C THR C 19 -10.44 -18.50 -6.79
N ILE C 20 -11.47 -17.69 -6.55
CA ILE C 20 -12.43 -17.91 -5.46
C ILE C 20 -13.74 -18.40 -6.07
N SER C 21 -14.24 -19.54 -5.57
CA SER C 21 -15.48 -20.14 -6.09
C SER C 21 -16.68 -19.73 -5.23
N CYS C 22 -17.83 -19.65 -5.89
CA CYS C 22 -19.11 -19.40 -5.24
C CYS C 22 -20.13 -20.34 -5.85
N THR C 23 -20.57 -21.31 -5.06
CA THR C 23 -21.49 -22.33 -5.57
C THR C 23 -22.81 -22.23 -4.79
N GLY C 24 -23.88 -21.92 -5.53
CA GLY C 24 -25.24 -21.82 -5.00
C GLY C 24 -26.11 -22.89 -5.62
N THR C 25 -27.27 -22.49 -6.13
CA THR C 25 -28.26 -23.41 -6.72
C THR C 25 -28.85 -22.84 -8.01
N SER C 26 -29.65 -23.66 -8.68
CA SER C 26 -30.43 -23.26 -9.87
C SER C 26 -31.46 -22.11 -9.63
N SER C 27 -31.62 -21.68 -8.40
CA SER C 27 -32.56 -20.64 -8.08
C SER C 27 -31.88 -19.34 -7.76
N ASP C 28 -30.55 -19.34 -7.76
CA ASP C 28 -29.82 -18.10 -7.57
C ASP C 28 -28.68 -17.90 -8.60
N VAL C 29 -27.49 -18.39 -8.32
CA VAL C 29 -26.35 -18.29 -9.22
C VAL C 29 -26.65 -19.00 -10.51
N GLY C 30 -27.27 -20.16 -10.45
CA GLY C 30 -27.75 -20.84 -11.67
C GLY C 30 -28.99 -20.23 -12.30
N GLY C 31 -29.82 -19.57 -11.49
CA GLY C 31 -31.06 -18.98 -11.98
C GLY C 31 -30.91 -17.72 -12.83
N TYR C 32 -29.88 -16.93 -12.57
CA TYR C 32 -29.68 -15.61 -13.19
C TYR C 32 -28.22 -15.28 -13.42
N ASN C 33 -27.96 -14.31 -14.29
CA ASN C 33 -26.64 -13.71 -14.46
C ASN C 33 -26.47 -12.41 -13.63
N PHE C 34 -27.08 -12.37 -12.45
CA PHE C 34 -26.95 -11.21 -11.57
C PHE C 34 -26.08 -11.57 -10.38
N VAL C 35 -24.87 -12.03 -10.67
CA VAL C 35 -23.88 -12.32 -9.64
C VAL C 35 -22.84 -11.20 -9.53
N SER C 36 -22.63 -10.73 -8.30
CA SER C 36 -21.65 -9.70 -8.02
C SER C 36 -20.61 -10.20 -7.02
N TRP C 37 -19.43 -9.61 -7.08
CA TRP C 37 -18.35 -9.96 -6.16
C TRP C 37 -17.88 -8.71 -5.44
N TYR C 38 -17.84 -8.79 -4.11
CA TYR C 38 -17.49 -7.68 -3.24
C TYR C 38 -16.22 -7.97 -2.42
N GLN C 39 -15.33 -6.98 -2.39
CA GLN C 39 -14.10 -6.97 -1.57
C GLN C 39 -14.37 -6.23 -0.27
N GLN C 40 -13.79 -6.71 0.84
CA GLN C 40 -13.90 -6.02 2.13
C GLN C 40 -12.61 -6.07 2.93
N HIS C 41 -12.00 -4.91 3.15
CA HIS C 41 -10.81 -4.79 4.00
C HIS C 41 -11.28 -4.59 5.43
N PRO C 42 -10.39 -4.81 6.43
CA PRO C 42 -10.85 -4.76 7.82
C PRO C 42 -11.34 -3.38 8.23
N GLY C 43 -12.46 -3.36 8.94
CA GLY C 43 -13.06 -2.14 9.47
C GLY C 43 -13.66 -1.19 8.45
N LYS C 44 -13.91 -1.69 7.24
CA LYS C 44 -14.39 -0.85 6.13
C LYS C 44 -15.57 -1.51 5.44
N ALA C 45 -16.41 -0.70 4.81
CA ALA C 45 -17.56 -1.19 4.07
C ALA C 45 -17.13 -2.03 2.85
N PRO C 46 -18.03 -2.89 2.34
CA PRO C 46 -17.68 -3.67 1.16
C PRO C 46 -17.52 -2.81 -0.09
N LYS C 47 -16.75 -3.30 -1.05
CA LYS C 47 -16.45 -2.57 -2.27
C LYS C 47 -16.71 -3.46 -3.47
N LEU C 48 -17.52 -2.99 -4.40
CA LEU C 48 -17.91 -3.76 -5.57
C LEU C 48 -16.74 -3.94 -6.56
N MET C 49 -16.39 -5.20 -6.84
CA MET C 49 -15.33 -5.51 -7.80
C MET C 49 -15.90 -6.00 -9.13
N ILE C 50 -16.92 -6.84 -9.08
CA ILE C 50 -17.53 -7.41 -10.27
C ILE C 50 -19.06 -7.42 -10.09
N TYR C 51 -19.79 -7.04 -11.13
CA TYR C 51 -21.24 -7.19 -11.16
C TYR C 51 -21.66 -7.88 -12.46
N GLU C 52 -22.87 -8.42 -12.46
CA GLU C 52 -23.42 -9.18 -13.59
C GLU C 52 -22.42 -10.20 -14.15
N VAL C 53 -21.93 -11.06 -13.24
CA VAL C 53 -20.99 -12.15 -13.55
C VAL C 53 -19.57 -11.68 -13.87
N SER C 54 -19.41 -10.82 -14.89
CA SER C 54 -18.11 -10.47 -15.44
C SER C 54 -17.80 -8.98 -15.69
N ASP C 55 -18.76 -8.07 -15.52
CA ASP C 55 -18.49 -6.65 -15.75
C ASP C 55 -17.78 -6.02 -14.57
N ARG C 56 -16.98 -4.99 -14.84
CA ARG C 56 -16.28 -4.23 -13.81
C ARG C 56 -16.83 -2.81 -13.77
N PRO C 57 -17.06 -2.27 -12.55
CA PRO C 57 -17.36 -0.86 -12.50
C PRO C 57 -16.09 -0.06 -12.85
N SER C 58 -16.28 1.19 -13.26
CA SER C 58 -15.13 2.07 -13.46
C SER C 58 -14.29 2.16 -12.19
N GLY C 59 -12.97 2.19 -12.36
CA GLY C 59 -12.02 2.28 -11.24
C GLY C 59 -11.54 0.97 -10.64
N VAL C 60 -11.92 -0.17 -11.23
CA VAL C 60 -11.46 -1.47 -10.77
C VAL C 60 -10.53 -2.08 -11.81
N SER C 61 -9.37 -2.53 -11.33
CA SER C 61 -8.34 -3.13 -12.16
C SER C 61 -8.87 -4.29 -13.00
N SER C 62 -8.42 -4.38 -14.25
CA SER C 62 -8.64 -5.57 -15.11
C SER C 62 -8.06 -6.89 -14.55
N ARG C 63 -7.23 -6.81 -13.51
CA ARG C 63 -6.76 -7.98 -12.75
C ARG C 63 -7.91 -8.81 -12.11
N PHE C 64 -9.00 -8.12 -11.77
CA PHE C 64 -10.21 -8.76 -11.25
C PHE C 64 -11.10 -9.15 -12.41
N SER C 65 -11.52 -10.42 -12.42
CA SER C 65 -12.37 -10.93 -13.48
C SER C 65 -13.35 -11.95 -12.90
N GLY C 66 -14.49 -12.08 -13.58
CA GLY C 66 -15.55 -12.96 -13.14
C GLY C 66 -16.04 -13.85 -14.25
N SER C 67 -16.42 -15.08 -13.88
CA SER C 67 -17.08 -16.00 -14.79
C SER C 67 -18.15 -16.81 -14.06
N LYS C 68 -18.90 -17.61 -14.81
CA LYS C 68 -19.93 -18.47 -14.25
C LYS C 68 -20.13 -19.73 -15.09
N SER C 69 -20.16 -20.88 -14.42
CA SER C 69 -20.49 -22.17 -15.04
C SER C 69 -21.54 -22.87 -14.18
N GLY C 70 -22.73 -23.08 -14.74
CA GLY C 70 -23.84 -23.74 -14.05
C GLY C 70 -24.27 -23.02 -12.79
N ASN C 71 -24.12 -23.67 -11.64
CA ASN C 71 -24.48 -23.10 -10.34
C ASN C 71 -23.28 -22.50 -9.60
N THR C 72 -22.11 -22.49 -10.25
CA THR C 72 -20.90 -21.95 -9.63
C THR C 72 -20.41 -20.71 -10.38
N ALA C 73 -20.20 -19.63 -9.61
CA ALA C 73 -19.58 -18.40 -10.08
C ALA C 73 -18.14 -18.36 -9.58
N SER C 74 -17.24 -17.86 -10.42
CA SER C 74 -15.81 -17.77 -10.09
C SER C 74 -15.27 -16.34 -10.17
N LEU C 75 -14.63 -15.87 -9.10
CA LEU C 75 -13.83 -14.65 -9.12
C LEU C 75 -12.36 -15.03 -9.27
N THR C 76 -11.72 -14.54 -10.34
CA THR C 76 -10.29 -14.78 -10.59
C THR C 76 -9.51 -13.48 -10.47
N ILE C 77 -8.52 -13.47 -9.56
CA ILE C 77 -7.60 -12.33 -9.37
C ILE C 77 -6.20 -12.64 -9.91
N SER C 78 -5.83 -12.01 -11.03
CA SER C 78 -4.49 -12.17 -11.64
C SER C 78 -3.50 -11.11 -11.13
N GLY C 79 -2.21 -11.36 -11.36
CA GLY C 79 -1.14 -10.43 -10.96
C GLY C 79 -1.25 -10.02 -9.51
N LEU C 80 -1.38 -11.02 -8.64
CA LEU C 80 -1.78 -10.83 -7.24
C LEU C 80 -0.87 -9.86 -6.49
N GLN C 81 -1.47 -9.03 -5.64
CA GLN C 81 -0.76 -7.99 -4.89
C GLN C 81 -1.17 -8.03 -3.43
N ALA C 82 -0.37 -7.35 -2.60
CA ALA C 82 -0.59 -7.30 -1.15
C ALA C 82 -1.90 -6.60 -0.74
N GLU C 83 -2.32 -5.62 -1.53
CA GLU C 83 -3.52 -4.82 -1.24
C GLU C 83 -4.80 -5.62 -1.53
N ASP C 84 -4.65 -6.73 -2.26
CA ASP C 84 -5.72 -7.68 -2.50
C ASP C 84 -6.03 -8.56 -1.28
N GLU C 85 -5.18 -8.53 -0.26
CA GLU C 85 -5.47 -9.24 1.00
C GLU C 85 -6.74 -8.65 1.61
N ALA C 86 -7.84 -9.40 1.49
CA ALA C 86 -9.17 -8.98 1.93
C ALA C 86 -10.13 -10.17 1.99
N ASP C 87 -11.30 -9.95 2.57
CA ASP C 87 -12.43 -10.87 2.42
C ASP C 87 -13.16 -10.59 1.10
N TYR C 88 -13.67 -11.66 0.47
CA TYR C 88 -14.43 -11.55 -0.77
C TYR C 88 -15.75 -12.31 -0.66
N TYR C 89 -16.83 -11.68 -1.14
CA TYR C 89 -18.18 -12.19 -1.01
C TYR C 89 -18.85 -12.21 -2.38
N CYS C 90 -19.48 -13.31 -2.75
CA CYS C 90 -20.39 -13.30 -3.90
C CYS C 90 -21.75 -12.84 -3.40
N PHE C 91 -22.59 -12.43 -4.35
CA PHE C 91 -23.89 -11.82 -4.09
C PHE C 91 -24.75 -12.15 -5.30
N SER C 92 -25.93 -12.72 -5.06
CA SER C 92 -26.85 -13.09 -6.16
C SER C 92 -28.30 -12.74 -5.89
N TYR C 93 -29.04 -12.55 -6.97
CA TYR C 93 -30.49 -12.46 -6.96
C TYR C 93 -31.04 -13.87 -6.75
N THR C 94 -32.23 -13.99 -6.17
CA THR C 94 -32.87 -15.29 -5.95
C THR C 94 -34.28 -15.30 -6.50
N THR C 95 -34.79 -16.49 -6.75
CA THR C 95 -36.14 -16.65 -7.26
C THR C 95 -37.22 -16.13 -6.32
N SER C 96 -36.89 -15.94 -5.04
CA SER C 96 -37.79 -15.25 -4.10
C SER C 96 -37.84 -13.71 -4.23
N THR C 97 -37.18 -13.15 -5.25
CA THR C 97 -36.94 -11.69 -5.42
C THR C 97 -36.05 -11.04 -4.34
N THR C 98 -35.39 -11.86 -3.52
CA THR C 98 -34.42 -11.38 -2.53
C THR C 98 -33.01 -11.52 -3.08
N TRP C 99 -32.06 -10.96 -2.34
CA TRP C 99 -30.65 -11.02 -2.65
C TRP C 99 -29.97 -11.77 -1.52
N VAL C 100 -28.96 -12.56 -1.84
CA VAL C 100 -28.22 -13.30 -0.81
C VAL C 100 -26.72 -13.26 -1.04
N PHE C 101 -25.99 -13.02 0.05
CA PHE C 101 -24.53 -13.05 0.03
C PHE C 101 -24.04 -14.48 0.29
N GLY C 102 -22.89 -14.80 -0.30
CA GLY C 102 -22.13 -15.99 0.09
C GLY C 102 -21.51 -15.80 1.46
N GLY C 103 -20.96 -16.89 2.01
CA GLY C 103 -20.36 -16.89 3.35
C GLY C 103 -19.01 -16.18 3.47
N GLY C 104 -18.34 -16.02 2.34
CA GLY C 104 -17.11 -15.25 2.27
C GLY C 104 -15.82 -16.06 2.32
N THR C 105 -14.80 -15.55 1.64
CA THR C 105 -13.50 -16.18 1.50
C THR C 105 -12.43 -15.20 1.95
N LYS C 106 -11.52 -15.64 2.82
CA LYS C 106 -10.35 -14.84 3.22
C LYS C 106 -9.22 -15.10 2.24
N LEU C 107 -8.78 -14.06 1.54
CA LEU C 107 -7.62 -14.16 0.66
C LEU C 107 -6.39 -13.67 1.43
N THR C 108 -5.34 -14.49 1.43
CA THR C 108 -4.02 -14.08 1.96
C THR C 108 -2.99 -14.12 0.83
N VAL C 109 -2.08 -13.14 0.86
CA VAL C 109 -1.04 -13.00 -0.14
C VAL C 109 0.26 -13.43 0.53
N LEU C 110 0.91 -14.45 -0.03
CA LEU C 110 2.13 -15.01 0.55
C LEU C 110 3.32 -14.06 0.36
N GLY C 111 4.50 -14.47 0.84
CA GLY C 111 5.75 -13.80 0.50
C GLY C 111 6.15 -12.60 1.34
N GLN C 112 5.49 -12.39 2.48
CA GLN C 112 6.00 -11.50 3.52
C GLN C 112 6.43 -12.36 4.72
N PRO C 113 7.47 -11.92 5.45
CA PRO C 113 8.22 -12.85 6.30
C PRO C 113 7.56 -13.19 7.64
N LYS C 114 7.80 -14.43 8.09
CA LYS C 114 7.20 -15.00 9.30
C LYS C 114 7.84 -14.48 10.59
N ALA C 115 7.04 -13.80 11.42
CA ALA C 115 7.42 -13.41 12.79
C ALA C 115 6.72 -14.31 13.83
N ALA C 116 7.50 -14.89 14.75
CA ALA C 116 6.96 -15.57 15.91
C ALA C 116 6.40 -14.52 16.90
N PRO C 117 5.39 -14.90 17.71
CA PRO C 117 4.78 -13.96 18.65
C PRO C 117 5.63 -13.73 19.90
N SER C 118 5.77 -12.46 20.31
CA SER C 118 6.30 -12.14 21.65
C SER C 118 5.15 -12.28 22.66
N VAL C 119 5.42 -12.98 23.75
CA VAL C 119 4.41 -13.37 24.73
C VAL C 119 4.78 -12.85 26.12
N THR C 120 3.92 -12.00 26.69
CA THR C 120 3.99 -11.58 28.08
C THR C 120 2.82 -12.15 28.90
N LEU C 121 3.13 -12.84 29.99
CA LEU C 121 2.13 -13.33 30.93
C LEU C 121 2.24 -12.61 32.27
N PHE C 122 1.19 -11.89 32.65
CA PHE C 122 1.08 -11.29 33.98
C PHE C 122 0.23 -12.16 34.90
N PRO C 123 0.72 -12.42 36.14
CA PRO C 123 -0.12 -13.11 37.10
C PRO C 123 -1.17 -12.15 37.65
N PRO C 124 -2.16 -12.67 38.41
CA PRO C 124 -3.12 -11.76 39.02
C PRO C 124 -2.43 -10.76 39.94
N SER C 125 -2.90 -9.53 39.93
CA SER C 125 -2.41 -8.50 40.84
C SER C 125 -2.87 -8.83 42.25
N SER C 126 -2.08 -8.43 43.24
CA SER C 126 -2.50 -8.52 44.64
C SER C 126 -3.81 -7.76 44.87
N GLU C 127 -3.99 -6.65 44.16
CA GLU C 127 -5.22 -5.85 44.30
C GLU C 127 -6.46 -6.55 43.77
N GLU C 128 -6.31 -7.30 42.68
CA GLU C 128 -7.41 -8.17 42.24
C GLU C 128 -7.67 -9.31 43.24
N LEU C 129 -6.61 -9.91 43.82
CA LEU C 129 -6.80 -10.98 44.81
C LEU C 129 -7.54 -10.46 46.03
N GLN C 130 -7.21 -9.25 46.46
CA GLN C 130 -7.94 -8.55 47.52
C GLN C 130 -9.38 -8.16 47.13
N ALA C 131 -9.69 -8.19 45.84
CA ALA C 131 -11.07 -8.10 45.36
C ALA C 131 -11.69 -9.47 45.03
N ASN C 132 -11.12 -10.55 45.58
CA ASN C 132 -11.63 -11.92 45.44
C ASN C 132 -11.66 -12.50 44.01
N LYS C 133 -10.74 -12.05 43.15
CA LYS C 133 -10.61 -12.60 41.80
C LYS C 133 -9.15 -12.73 41.39
N ALA C 134 -8.92 -13.50 40.33
CA ALA C 134 -7.58 -13.75 39.82
C ALA C 134 -7.65 -13.92 38.31
N THR C 135 -7.19 -12.92 37.59
CA THR C 135 -7.16 -12.94 36.14
C THR C 135 -5.71 -13.05 35.73
N LEU C 136 -5.38 -14.09 34.99
CA LEU C 136 -4.08 -14.19 34.34
C LEU C 136 -4.24 -13.55 32.97
N VAL C 137 -3.23 -12.76 32.56
CA VAL C 137 -3.30 -11.95 31.33
C VAL C 137 -2.11 -12.26 30.44
N CYS C 138 -2.41 -12.77 29.24
CA CYS C 138 -1.42 -13.21 28.28
C CYS C 138 -1.50 -12.33 27.04
N LEU C 139 -0.53 -11.44 26.90
CA LEU C 139 -0.50 -10.48 25.82
C LEU C 139 0.42 -10.98 24.71
N ILE C 140 -0.11 -10.98 23.49
CA ILE C 140 0.53 -11.63 22.35
C ILE C 140 0.68 -10.56 21.28
N SER C 141 1.90 -10.34 20.82
CA SER C 141 2.17 -9.25 19.88
C SER C 141 3.27 -9.59 18.85
N ASP C 142 3.25 -8.81 17.76
CA ASP C 142 4.28 -8.84 16.71
C ASP C 142 4.46 -10.23 16.11
N PHE C 143 3.34 -10.77 15.61
CA PHE C 143 3.34 -12.04 14.86
C PHE C 143 2.72 -11.86 13.48
N TYR C 144 3.18 -12.70 12.54
CA TYR C 144 2.70 -12.72 11.16
C TYR C 144 3.01 -14.12 10.59
N PRO C 145 2.08 -14.76 9.87
CA PRO C 145 0.73 -14.26 9.60
C PRO C 145 -0.16 -14.19 10.86
N GLY C 146 -1.22 -13.36 10.79
CA GLY C 146 -2.08 -13.04 11.94
C GLY C 146 -3.06 -14.11 12.39
N ALA C 147 -2.55 -15.27 12.78
CA ALA C 147 -3.37 -16.37 13.25
C ALA C 147 -2.60 -17.21 14.25
N VAL C 148 -2.99 -17.10 15.51
CA VAL C 148 -2.39 -17.86 16.61
C VAL C 148 -3.46 -18.72 17.24
N THR C 149 -3.03 -19.75 17.95
CA THR C 149 -3.91 -20.55 18.79
C THR C 149 -3.35 -20.49 20.19
N VAL C 150 -4.23 -20.34 21.18
CA VAL C 150 -3.82 -20.19 22.57
C VAL C 150 -4.41 -21.34 23.37
N ALA C 151 -3.55 -22.03 24.11
CA ALA C 151 -3.96 -23.03 25.09
C ALA C 151 -3.31 -22.70 26.44
N TRP C 152 -4.06 -22.89 27.50
CA TRP C 152 -3.59 -22.65 28.86
C TRP C 152 -3.42 -23.97 29.56
N LYS C 153 -2.44 -24.05 30.44
CA LYS C 153 -2.25 -25.26 31.22
C LYS C 153 -2.03 -24.93 32.69
N ALA C 154 -2.68 -25.68 33.57
CA ALA C 154 -2.50 -25.50 35.01
C ALA C 154 -1.56 -26.59 35.37
N ASP C 155 -0.39 -26.22 35.83
CA ASP C 155 0.64 -27.20 36.06
C ASP C 155 0.84 -27.76 34.66
N SER C 156 0.64 -29.05 34.44
CA SER C 156 0.78 -29.52 33.06
C SER C 156 -0.49 -30.14 32.57
N SER C 157 -1.60 -29.72 33.12
CA SER C 157 -2.91 -30.26 32.78
C SER C 157 -3.69 -29.19 32.00
N PRO C 158 -4.36 -29.56 30.89
CA PRO C 158 -5.11 -28.56 30.15
C PRO C 158 -6.22 -27.90 30.95
N VAL C 159 -6.41 -26.60 30.72
CA VAL C 159 -7.50 -25.83 31.29
C VAL C 159 -8.36 -25.39 30.12
N LYS C 160 -9.65 -25.71 30.18
CA LYS C 160 -10.61 -25.19 29.20
C LYS C 160 -11.51 -24.10 29.78
N ALA C 161 -11.90 -24.25 31.06
CA ALA C 161 -12.80 -23.29 31.73
C ALA C 161 -12.14 -21.96 32.08
N GLY C 162 -12.89 -20.88 31.86
CA GLY C 162 -12.46 -19.54 32.24
C GLY C 162 -11.53 -18.82 31.28
N VAL C 163 -11.26 -19.44 30.13
CA VAL C 163 -10.38 -18.86 29.11
C VAL C 163 -11.22 -18.04 28.14
N GLU C 164 -10.77 -16.82 27.87
CA GLU C 164 -11.36 -15.99 26.81
C GLU C 164 -10.21 -15.34 26.01
N THR C 165 -10.20 -15.55 24.69
CA THR C 165 -9.14 -15.07 23.81
C THR C 165 -9.73 -14.16 22.73
N THR C 166 -9.10 -13.03 22.47
CA THR C 166 -9.61 -12.11 21.45
C THR C 166 -9.21 -12.59 20.08
N THR C 167 -9.89 -12.04 19.07
CA THR C 167 -9.52 -12.25 17.68
C THR C 167 -8.20 -11.52 17.39
N PRO C 168 -7.37 -12.06 16.48
CA PRO C 168 -6.16 -11.32 16.11
C PRO C 168 -6.51 -10.00 15.43
N SER C 169 -5.97 -8.89 15.94
CA SER C 169 -6.18 -7.56 15.37
C SER C 169 -4.88 -7.00 14.82
N LYS C 170 -4.95 -6.30 13.69
CA LYS C 170 -3.75 -5.75 13.04
C LYS C 170 -3.26 -4.50 13.78
N GLN C 171 -1.97 -4.50 14.13
CA GLN C 171 -1.33 -3.38 14.79
C GLN C 171 -0.97 -2.32 13.72
N SER C 172 -0.60 -1.11 14.17
CA SER C 172 -0.26 -0.02 13.25
C SER C 172 1.05 -0.26 12.46
N ASN C 173 1.94 -1.12 12.98
CA ASN C 173 3.15 -1.51 12.25
C ASN C 173 2.93 -2.65 11.23
N ASN C 174 1.67 -2.94 10.87
CA ASN C 174 1.29 -4.03 9.96
C ASN C 174 1.78 -5.43 10.40
N LYS C 175 1.88 -5.65 11.71
CA LYS C 175 1.97 -6.99 12.31
C LYS C 175 0.70 -7.19 13.17
N TYR C 176 0.54 -8.38 13.75
CA TYR C 176 -0.68 -8.71 14.52
C TYR C 176 -0.48 -8.90 16.02
N ALA C 177 -1.58 -8.71 16.75
CA ALA C 177 -1.61 -8.89 18.20
C ALA C 177 -2.94 -9.47 18.68
N ALA C 178 -2.90 -10.07 19.85
CA ALA C 178 -4.05 -10.73 20.45
C ALA C 178 -3.84 -10.85 21.97
N SER C 179 -4.92 -11.07 22.71
CA SER C 179 -4.78 -11.27 24.15
C SER C 179 -5.64 -12.42 24.59
N SER C 180 -5.19 -13.09 25.65
CA SER C 180 -5.91 -14.20 26.23
C SER C 180 -5.94 -14.04 27.74
N TYR C 181 -7.08 -14.39 28.34
CA TYR C 181 -7.32 -14.20 29.76
C TYR C 181 -7.81 -15.50 30.37
N LEU C 182 -7.27 -15.87 31.52
CA LEU C 182 -7.78 -16.98 32.32
C LEU C 182 -8.33 -16.39 33.63
N SER C 183 -9.66 -16.51 33.82
CA SER C 183 -10.33 -16.00 35.01
C SER C 183 -10.49 -17.11 36.03
N LEU C 184 -9.89 -16.93 37.20
CA LEU C 184 -9.92 -17.92 38.27
C LEU C 184 -10.41 -17.30 39.57
N THR C 185 -10.81 -18.16 40.50
CA THR C 185 -11.01 -17.77 41.89
C THR C 185 -9.63 -17.75 42.56
N PRO C 186 -9.49 -17.02 43.69
CA PRO C 186 -8.22 -17.08 44.43
C PRO C 186 -7.85 -18.49 44.90
N GLU C 187 -8.87 -19.28 45.25
CA GLU C 187 -8.69 -20.68 45.66
C GLU C 187 -8.06 -21.45 44.50
N GLN C 188 -8.71 -21.41 43.34
CA GLN C 188 -8.22 -22.06 42.12
C GLN C 188 -6.78 -21.66 41.78
N TRP C 189 -6.49 -20.36 41.84
CA TRP C 189 -5.16 -19.82 41.52
C TRP C 189 -4.07 -20.38 42.42
N LYS C 190 -4.33 -20.40 43.73
CA LYS C 190 -3.37 -20.92 44.71
C LYS C 190 -3.24 -22.45 44.67
N SER C 191 -4.25 -23.15 44.12
CA SER C 191 -4.27 -24.62 44.09
C SER C 191 -3.09 -25.24 43.34
N HIS C 192 -2.85 -24.81 42.11
CA HIS C 192 -1.75 -25.35 41.29
C HIS C 192 -0.43 -24.59 41.52
N ARG C 193 0.70 -25.25 41.25
CA ARG C 193 2.04 -24.67 41.46
C ARG C 193 2.47 -23.70 40.35
N SER C 194 2.07 -23.98 39.11
CA SER C 194 2.38 -23.10 37.98
C SER C 194 1.23 -23.05 36.98
N TYR C 195 1.17 -21.94 36.24
CA TYR C 195 0.19 -21.76 35.18
C TYR C 195 0.94 -21.32 33.93
N SER C 196 0.54 -21.85 32.77
CA SER C 196 1.20 -21.53 31.49
C SER C 196 0.23 -21.01 30.42
N CYS C 197 0.71 -20.05 29.63
CA CYS C 197 0.02 -19.58 28.42
C CYS C 197 0.87 -20.00 27.22
N GLN C 198 0.34 -20.89 26.38
CA GLN C 198 1.08 -21.46 25.25
C GLN C 198 0.48 -20.98 23.95
N VAL C 199 1.23 -20.14 23.24
CA VAL C 199 0.78 -19.55 21.99
C VAL C 199 1.42 -20.32 20.83
N THR C 200 0.68 -21.29 20.31
CA THR C 200 1.08 -22.07 19.14
C THR C 200 0.85 -21.27 17.85
N HIS C 201 1.93 -20.98 17.15
CA HIS C 201 1.90 -20.18 15.93
C HIS C 201 2.68 -20.87 14.81
N GLU C 202 1.99 -21.21 13.72
CA GLU C 202 2.62 -21.80 12.54
C GLU C 202 3.48 -22.99 12.95
N GLY C 203 2.87 -23.95 13.62
CA GLY C 203 3.55 -25.16 14.08
C GLY C 203 4.22 -25.04 15.43
N SER C 204 5.13 -24.07 15.57
CA SER C 204 5.88 -23.85 16.82
C SER C 204 5.07 -23.12 17.91
N THR C 205 5.54 -23.22 19.16
CA THR C 205 4.79 -22.74 20.33
C THR C 205 5.66 -21.92 21.30
N VAL C 206 5.32 -20.63 21.46
CA VAL C 206 5.96 -19.77 22.47
C VAL C 206 5.17 -19.86 23.79
N GLU C 207 5.88 -20.05 24.89
CA GLU C 207 5.30 -20.31 26.20
C GLU C 207 5.76 -19.29 27.22
N LYS C 208 4.85 -18.93 28.13
CA LYS C 208 5.21 -18.23 29.37
C LYS C 208 4.50 -18.83 30.56
N THR C 209 5.16 -18.74 31.71
CA THR C 209 4.74 -19.40 32.93
C THR C 209 4.73 -18.41 34.11
N VAL C 210 3.76 -18.59 35.01
CA VAL C 210 3.69 -17.83 36.27
C VAL C 210 3.34 -18.78 37.41
N ALA C 211 3.82 -18.44 38.60
CA ALA C 211 3.70 -19.28 39.80
C ALA C 211 3.13 -18.45 40.95
N PRO C 212 2.11 -18.96 41.67
CA PRO C 212 1.60 -18.25 42.87
C PRO C 212 2.65 -17.93 43.97
N THR C 213 3.75 -18.68 44.02
CA THR C 213 4.89 -18.39 44.91
C THR C 213 5.97 -17.55 44.19
N GLU C 214 5.54 -16.40 43.66
CA GLU C 214 6.43 -15.32 43.20
C GLU C 214 5.99 -14.10 44.02
N CYS C 215 6.42 -12.89 43.65
CA CYS C 215 6.00 -11.66 44.39
C CYS C 215 5.14 -10.71 43.58
N GLU D 1 -0.19 -1.90 -13.60
CA GLU D 1 0.74 -1.12 -12.74
C GLU D 1 1.17 0.14 -13.47
N VAL D 2 1.17 1.27 -12.77
CA VAL D 2 1.71 2.52 -13.30
C VAL D 2 3.22 2.40 -13.33
N GLN D 3 3.82 2.58 -14.51
CA GLN D 3 5.26 2.45 -14.69
C GLN D 3 5.83 3.58 -15.55
N LEU D 4 6.95 4.12 -15.11
CA LEU D 4 7.79 4.97 -15.92
C LEU D 4 9.14 4.29 -15.95
N VAL D 5 9.71 4.13 -17.14
CA VAL D 5 10.97 3.41 -17.33
C VAL D 5 11.93 4.28 -18.13
N GLU D 6 12.98 4.74 -17.47
CA GLU D 6 13.99 5.54 -18.11
C GLU D 6 15.02 4.59 -18.71
N SER D 7 15.55 4.95 -19.87
CA SER D 7 16.59 4.15 -20.53
C SER D 7 17.55 5.02 -21.34
N GLY D 8 18.63 4.41 -21.82
CA GLY D 8 19.61 5.06 -22.68
C GLY D 8 20.85 5.64 -22.00
N GLY D 9 20.96 5.44 -20.68
CA GLY D 9 22.12 5.88 -19.92
C GLY D 9 23.33 4.97 -20.10
N GLY D 10 24.51 5.56 -20.08
CA GLY D 10 25.73 4.80 -20.22
C GLY D 10 26.95 5.69 -20.11
N LEU D 11 28.09 5.15 -20.49
CA LEU D 11 29.37 5.88 -20.48
C LEU D 11 29.44 6.76 -21.72
N VAL D 12 29.93 7.98 -21.55
CA VAL D 12 30.09 8.92 -22.66
C VAL D 12 31.27 9.86 -22.38
N LYS D 13 32.01 10.22 -23.42
CA LYS D 13 33.20 11.07 -23.28
C LYS D 13 32.70 12.48 -23.02
N PRO D 14 33.51 13.30 -22.33
CA PRO D 14 33.19 14.73 -22.24
C PRO D 14 32.99 15.32 -23.62
N GLY D 15 31.95 16.14 -23.76
CA GLY D 15 31.57 16.72 -25.04
C GLY D 15 30.76 15.81 -25.97
N GLY D 16 30.54 14.56 -25.57
CA GLY D 16 29.75 13.62 -26.35
C GLY D 16 28.26 13.78 -26.11
N SER D 17 27.47 12.89 -26.71
CA SER D 17 26.02 12.92 -26.62
C SER D 17 25.41 11.62 -26.14
N LEU D 18 24.22 11.76 -25.55
CA LEU D 18 23.33 10.62 -25.23
C LEU D 18 21.88 11.02 -25.41
N ARG D 19 21.06 10.06 -25.86
CA ARG D 19 19.62 10.24 -25.92
C ARG D 19 18.97 9.40 -24.82
N LEU D 20 18.32 10.05 -23.86
CA LEU D 20 17.57 9.32 -22.83
C LEU D 20 16.11 9.19 -23.24
N SER D 21 15.52 8.05 -22.90
CA SER D 21 14.09 7.82 -23.10
C SER D 21 13.38 7.66 -21.76
N CYS D 22 12.12 8.05 -21.75
CA CYS D 22 11.21 7.79 -20.65
C CYS D 22 9.95 7.14 -21.24
N ALA D 23 9.75 5.85 -20.97
CA ALA D 23 8.61 5.07 -21.49
C ALA D 23 7.54 4.79 -20.42
N ALA D 24 6.28 5.08 -20.75
CA ALA D 24 5.15 4.97 -19.84
C ALA D 24 4.20 3.81 -20.20
N SER D 25 3.75 3.08 -19.18
CA SER D 25 2.61 2.15 -19.30
C SER D 25 1.68 2.20 -18.07
N GLY D 26 0.44 1.76 -18.22
CA GLY D 26 -0.50 1.64 -17.10
C GLY D 26 -1.23 2.90 -16.69
N PHE D 27 -1.23 3.90 -17.56
CA PHE D 27 -1.97 5.15 -17.34
C PHE D 27 -1.99 5.93 -18.63
N THR D 28 -2.83 6.96 -18.70
CA THR D 28 -2.97 7.73 -19.90
C THR D 28 -1.84 8.78 -19.86
N PHE D 29 -0.70 8.39 -20.44
CA PHE D 29 0.52 9.22 -20.54
C PHE D 29 0.19 10.64 -20.98
N ARG D 30 -0.55 10.73 -22.09
CA ARG D 30 -0.98 12.01 -22.66
C ARG D 30 -1.71 12.98 -21.72
N ASP D 31 -2.18 12.50 -20.57
CA ASP D 31 -2.78 13.36 -19.54
C ASP D 31 -1.79 13.96 -18.55
N TYR D 32 -0.50 13.67 -18.70
CA TYR D 32 0.51 14.12 -17.72
C TYR D 32 1.65 14.89 -18.40
N ASP D 33 2.09 15.96 -17.74
CA ASP D 33 3.36 16.58 -18.07
C ASP D 33 4.45 15.62 -17.59
N ILE D 34 5.65 15.78 -18.16
CA ILE D 34 6.81 14.96 -17.80
C ILE D 34 7.95 15.87 -17.38
N ILE D 35 8.61 15.48 -16.30
CA ILE D 35 9.66 16.28 -15.70
C ILE D 35 10.88 15.39 -15.48
N TRP D 36 12.06 15.92 -15.74
CA TRP D 36 13.30 15.22 -15.44
C TRP D 36 13.95 15.84 -14.22
N ILE D 37 14.47 14.97 -13.35
CA ILE D 37 15.21 15.32 -12.15
C ILE D 37 16.42 14.42 -12.11
N ARG D 38 17.58 14.98 -11.78
CA ARG D 38 18.82 14.19 -11.71
C ARG D 38 19.44 14.22 -10.34
N GLN D 39 20.16 13.15 -10.03
CA GLN D 39 20.88 12.99 -8.79
C GLN D 39 22.32 12.57 -9.07
N ALA D 40 23.25 13.50 -8.83
CA ALA D 40 24.68 13.20 -8.91
C ALA D 40 25.08 12.18 -7.82
N PRO D 41 26.12 11.38 -8.07
CA PRO D 41 26.48 10.35 -7.08
C PRO D 41 26.71 10.90 -5.68
N GLY D 42 26.04 10.31 -4.69
CA GLY D 42 26.14 10.75 -3.30
C GLY D 42 25.43 12.05 -2.92
N LYS D 43 24.67 12.65 -3.85
CA LYS D 43 24.14 14.01 -3.68
C LYS D 43 22.62 14.08 -3.71
N GLY D 44 22.09 15.31 -3.64
CA GLY D 44 20.66 15.56 -3.70
C GLY D 44 20.04 15.57 -5.09
N LEU D 45 18.89 16.22 -5.17
CA LEU D 45 18.03 16.18 -6.35
C LEU D 45 18.01 17.55 -7.00
N GLU D 46 18.15 17.58 -8.32
CA GLU D 46 18.22 18.81 -9.09
C GLU D 46 17.27 18.70 -10.27
N TRP D 47 16.37 19.65 -10.42
CA TRP D 47 15.51 19.65 -11.58
C TRP D 47 16.25 19.92 -12.87
N VAL D 48 15.90 19.21 -13.92
CA VAL D 48 16.54 19.37 -15.20
C VAL D 48 15.64 19.93 -16.30
N SER D 49 14.51 19.28 -16.57
CA SER D 49 13.64 19.70 -17.64
C SER D 49 12.16 19.44 -17.47
N TYR D 50 11.37 20.16 -18.22
CA TYR D 50 9.91 20.04 -18.21
C TYR D 50 9.43 20.02 -19.65
N ILE D 51 8.45 19.16 -19.92
CA ILE D 51 7.76 19.14 -21.21
C ILE D 51 6.28 18.89 -20.94
N SER D 52 5.43 19.70 -21.54
CA SER D 52 3.96 19.63 -21.36
C SER D 52 3.35 18.44 -22.11
N ARG D 53 2.09 18.17 -21.85
CA ARG D 53 1.33 17.10 -22.53
C ARG D 53 1.39 17.27 -24.05
N SER D 54 1.20 18.50 -24.52
CA SER D 54 1.22 18.89 -25.95
C SER D 54 2.61 18.70 -26.55
N GLY D 55 3.66 18.86 -25.75
CA GLY D 55 5.05 18.75 -26.19
C GLY D 55 5.54 20.06 -26.74
N SER D 56 4.78 21.13 -26.51
CA SER D 56 5.07 22.48 -27.01
C SER D 56 5.62 23.44 -25.96
N THR D 57 5.31 23.23 -24.68
CA THR D 57 5.80 24.09 -23.63
C THR D 57 6.94 23.37 -22.92
N ILE D 58 8.13 23.97 -22.96
CA ILE D 58 9.38 23.32 -22.59
C ILE D 58 10.21 24.26 -21.75
N TYR D 59 10.85 23.73 -20.72
CA TYR D 59 11.81 24.48 -19.93
C TYR D 59 13.00 23.60 -19.56
N TYR D 60 14.13 24.27 -19.35
CA TYR D 60 15.37 23.66 -18.89
C TYR D 60 15.94 24.46 -17.72
N SER D 61 16.72 23.77 -16.89
CA SER D 61 17.50 24.42 -15.84
C SER D 61 18.66 25.22 -16.46
N ASP D 62 19.15 26.17 -15.69
CA ASP D 62 20.33 26.95 -16.09
C ASP D 62 21.55 26.04 -16.35
N SER D 63 21.70 24.96 -15.58
CA SER D 63 22.80 24.00 -15.80
C SER D 63 22.88 23.37 -17.20
N VAL D 64 21.73 23.14 -17.84
CA VAL D 64 21.68 22.36 -19.09
C VAL D 64 21.08 23.10 -20.30
N ARG D 65 20.55 24.31 -20.09
CA ARG D 65 19.91 25.06 -21.18
C ARG D 65 20.90 25.30 -22.32
N GLY D 66 20.45 25.11 -23.55
CA GLY D 66 21.32 25.23 -24.72
C GLY D 66 22.13 24.00 -25.09
N ARG D 67 22.17 23.01 -24.21
CA ARG D 67 22.86 21.73 -24.46
C ARG D 67 21.94 20.52 -24.55
N PHE D 68 20.85 20.54 -23.78
CA PHE D 68 19.87 19.44 -23.72
C PHE D 68 18.63 19.80 -24.52
N THR D 69 18.01 18.81 -25.15
CA THR D 69 16.78 19.00 -25.91
C THR D 69 15.74 17.94 -25.56
N ILE D 70 14.67 18.36 -24.89
CA ILE D 70 13.56 17.49 -24.50
C ILE D 70 12.49 17.48 -25.59
N SER D 71 11.89 16.32 -25.83
CA SER D 71 10.84 16.18 -26.86
C SER D 71 9.88 15.10 -26.44
N ARG D 72 8.75 15.02 -27.15
CA ARG D 72 7.66 14.10 -26.79
C ARG D 72 7.09 13.41 -28.02
N ASP D 73 6.63 12.16 -27.82
CA ASP D 73 5.85 11.40 -28.80
C ASP D 73 4.77 10.62 -28.04
N ASN D 74 3.57 11.19 -28.01
CA ASN D 74 2.45 10.58 -27.25
C ASN D 74 1.93 9.27 -27.86
N ALA D 75 2.04 9.15 -29.18
CA ALA D 75 1.75 7.90 -29.87
C ALA D 75 2.64 6.72 -29.47
N LYS D 76 3.86 6.99 -29.00
CA LYS D 76 4.78 5.96 -28.48
C LYS D 76 4.87 5.94 -26.94
N ASN D 77 4.00 6.67 -26.25
CA ASN D 77 4.06 6.86 -24.79
C ASN D 77 5.45 7.25 -24.25
N SER D 78 6.13 8.13 -24.97
CA SER D 78 7.52 8.44 -24.66
C SER D 78 7.87 9.93 -24.70
N VAL D 79 8.79 10.28 -23.81
CA VAL D 79 9.45 11.57 -23.79
C VAL D 79 10.93 11.27 -23.94
N TYR D 80 11.63 12.11 -24.70
CA TYR D 80 13.07 11.91 -24.94
C TYR D 80 13.86 13.12 -24.41
N LEU D 81 15.09 12.87 -24.01
CA LEU D 81 16.00 13.93 -23.58
C LEU D 81 17.35 13.75 -24.28
N GLN D 82 17.58 14.58 -25.31
CA GLN D 82 18.84 14.57 -26.08
C GLN D 82 19.83 15.42 -25.33
N MET D 83 20.95 14.84 -24.95
CA MET D 83 21.97 15.54 -24.18
C MET D 83 23.20 15.66 -25.08
N ASN D 84 23.68 16.89 -25.26
CA ASN D 84 24.85 17.16 -26.07
C ASN D 84 25.86 17.90 -25.22
N SER D 85 27.08 18.04 -25.75
CA SER D 85 28.15 18.77 -25.07
C SER D 85 28.18 18.42 -23.59
N LEU D 86 28.21 17.13 -23.30
CA LEU D 86 28.08 16.66 -21.93
C LEU D 86 29.35 16.97 -21.16
N ARG D 87 29.16 17.22 -19.88
CA ARG D 87 30.25 17.56 -19.02
C ARG D 87 30.34 16.58 -17.87
N ALA D 88 31.47 16.55 -17.19
CA ALA D 88 31.68 15.68 -16.04
C ALA D 88 30.55 15.81 -15.01
N GLU D 89 30.17 17.04 -14.69
CA GLU D 89 29.14 17.33 -13.69
C GLU D 89 27.69 16.94 -14.12
N ASP D 90 27.49 16.53 -15.37
CA ASP D 90 26.25 15.89 -15.80
C ASP D 90 26.11 14.42 -15.34
N THR D 91 27.20 13.83 -14.84
CA THR D 91 27.16 12.47 -14.29
C THR D 91 26.13 12.37 -13.16
N ALA D 92 25.14 11.50 -13.35
CA ALA D 92 24.00 11.39 -12.44
C ALA D 92 23.07 10.25 -12.84
N VAL D 93 22.19 9.89 -11.92
CA VAL D 93 21.00 9.12 -12.24
C VAL D 93 19.95 10.11 -12.70
N TYR D 94 19.33 9.84 -13.85
CA TYR D 94 18.29 10.73 -14.39
C TYR D 94 16.91 10.08 -14.24
N TYR D 95 16.04 10.78 -13.51
CA TYR D 95 14.69 10.35 -13.24
C TYR D 95 13.69 11.08 -14.10
N CYS D 96 12.66 10.35 -14.48
CA CYS D 96 11.53 10.83 -15.23
C CYS D 96 10.37 10.85 -14.24
N ALA D 97 9.52 11.87 -14.28
CA ALA D 97 8.37 11.94 -13.37
C ALA D 97 7.12 12.51 -14.03
N ARG D 98 5.99 11.85 -13.85
CA ARG D 98 4.73 12.39 -14.37
C ARG D 98 4.21 13.48 -13.43
N ASP D 99 3.55 14.49 -14.01
CA ASP D 99 2.93 15.54 -13.22
C ASP D 99 1.61 15.96 -13.88
N PHE D 100 0.53 15.81 -13.12
CA PHE D 100 -0.79 16.21 -13.59
C PHE D 100 -0.91 17.72 -13.66
N GLY D 101 -0.22 18.47 -12.81
CA GLY D 101 -0.25 19.93 -12.88
C GLY D 101 -1.46 20.57 -12.22
N PHE D 102 -2.67 20.20 -12.66
CA PHE D 102 -3.91 20.88 -12.26
C PHE D 102 -4.14 20.85 -10.75
N GLU D 103 -3.82 19.72 -10.13
CA GLU D 103 -3.96 19.55 -8.69
C GLU D 103 -3.01 18.47 -8.20
N GLY D 104 -2.82 18.43 -6.88
CA GLY D 104 -2.08 17.37 -6.21
C GLY D 104 -2.85 16.05 -6.22
N PRO D 105 -2.19 14.90 -6.18
CA PRO D 105 -0.73 14.79 -5.95
C PRO D 105 0.14 15.14 -7.15
N ARG D 106 1.10 15.99 -6.87
CA ARG D 106 1.91 16.61 -7.86
C ARG D 106 3.21 15.83 -7.97
N MET D 107 3.66 15.54 -9.20
CA MET D 107 4.89 14.76 -9.44
C MET D 107 4.92 13.46 -8.63
N ASP D 108 3.86 12.69 -8.79
CA ASP D 108 3.49 11.63 -7.86
C ASP D 108 4.10 10.26 -8.11
N VAL D 109 4.57 10.01 -9.34
CA VAL D 109 5.22 8.74 -9.71
C VAL D 109 6.45 9.04 -10.52
N TRP D 110 7.58 8.49 -10.10
CA TRP D 110 8.85 8.63 -10.79
C TRP D 110 9.25 7.23 -11.22
N GLY D 111 10.12 7.12 -12.23
CA GLY D 111 10.71 5.81 -12.60
C GLY D 111 11.95 5.57 -11.75
N GLN D 112 12.59 4.42 -11.94
CA GLN D 112 13.78 4.04 -11.16
C GLN D 112 15.07 4.66 -11.66
N GLY D 113 15.00 5.34 -12.80
CA GLY D 113 16.09 6.16 -13.28
C GLY D 113 17.03 5.42 -14.22
N THR D 114 17.89 6.17 -14.87
CA THR D 114 18.95 5.60 -15.71
C THR D 114 20.25 6.38 -15.46
N THR D 115 21.36 5.64 -15.36
CA THR D 115 22.65 6.20 -14.93
C THR D 115 23.48 6.68 -16.14
N VAL D 116 23.96 7.93 -16.04
CA VAL D 116 24.77 8.56 -17.08
C VAL D 116 26.12 8.84 -16.46
N THR D 117 27.19 8.32 -17.07
CA THR D 117 28.55 8.54 -16.59
C THR D 117 29.36 9.32 -17.65
N VAL D 118 29.79 10.52 -17.31
CA VAL D 118 30.61 11.33 -18.23
C VAL D 118 32.08 11.26 -17.82
N SER D 119 32.87 10.55 -18.61
CA SER D 119 34.26 10.27 -18.29
C SER D 119 35.01 9.86 -19.55
N SER D 120 36.29 10.23 -19.60
CA SER D 120 37.19 9.82 -20.70
C SER D 120 37.81 8.43 -20.54
N ALA D 121 37.68 7.82 -19.35
CA ALA D 121 38.23 6.48 -19.12
C ALA D 121 37.39 5.45 -19.87
N SER D 122 38.03 4.33 -20.24
CA SER D 122 37.38 3.31 -21.10
C SER D 122 36.63 2.25 -20.30
N THR D 123 35.68 1.61 -20.94
CA THR D 123 34.95 0.48 -20.37
C THR D 123 35.89 -0.69 -20.13
N LYS D 124 35.75 -1.34 -18.98
CA LYS D 124 36.48 -2.57 -18.66
C LYS D 124 35.58 -3.48 -17.85
N GLY D 125 35.43 -4.71 -18.32
CA GLY D 125 34.68 -5.73 -17.60
C GLY D 125 35.46 -6.26 -16.40
N PRO D 126 34.76 -6.73 -15.37
CA PRO D 126 35.43 -7.20 -14.16
C PRO D 126 36.00 -8.61 -14.29
N SER D 127 37.00 -8.92 -13.47
CA SER D 127 37.34 -10.30 -13.12
C SER D 127 36.54 -10.66 -11.86
N VAL D 128 36.05 -11.89 -11.78
CA VAL D 128 35.23 -12.35 -10.65
C VAL D 128 35.99 -13.47 -9.92
N PHE D 129 36.18 -13.30 -8.60
CA PHE D 129 37.00 -14.21 -7.80
C PHE D 129 36.21 -14.73 -6.60
N PRO D 130 36.38 -16.01 -6.24
CA PRO D 130 35.67 -16.55 -5.10
C PRO D 130 36.21 -16.06 -3.77
N LEU D 131 35.31 -15.78 -2.83
CA LEU D 131 35.65 -15.52 -1.43
C LEU D 131 35.16 -16.77 -0.71
N ALA D 132 36.12 -17.62 -0.36
CA ALA D 132 35.84 -19.00 -0.03
C ALA D 132 36.02 -19.20 1.46
N PRO D 133 35.10 -19.96 2.07
CA PRO D 133 35.12 -20.18 3.52
C PRO D 133 36.29 -21.04 4.01
N SER D 134 36.47 -21.05 5.33
CA SER D 134 37.34 -22.03 6.02
C SER D 134 36.70 -23.43 5.98
N SER D 135 37.34 -24.39 6.59
CA SER D 135 36.69 -25.70 6.70
C SER D 135 36.11 -25.94 8.11
N LYS D 136 34.79 -26.00 8.23
CA LYS D 136 34.16 -26.21 9.54
C LYS D 136 33.45 -27.53 9.75
N SER D 137 34.10 -28.44 10.46
CA SER D 137 33.50 -29.73 10.79
C SER D 137 32.40 -29.66 11.83
N THR D 138 32.55 -28.78 12.80
CA THR D 138 31.59 -28.66 13.90
C THR D 138 30.41 -27.98 13.33
N SER D 139 30.53 -27.55 12.09
CA SER D 139 29.44 -26.94 11.39
C SER D 139 29.02 -25.91 12.32
N GLY D 140 29.97 -25.03 12.58
CA GLY D 140 29.71 -24.08 13.59
C GLY D 140 28.85 -23.02 13.07
N GLY D 141 27.59 -23.34 12.96
CA GLY D 141 26.68 -22.34 12.56
C GLY D 141 27.04 -21.73 11.28
N THR D 142 27.14 -20.43 11.31
CA THR D 142 27.35 -19.71 10.11
C THR D 142 28.66 -19.70 9.40
N ALA D 143 28.58 -19.89 8.09
CA ALA D 143 29.74 -19.77 7.25
C ALA D 143 29.48 -18.58 6.35
N ALA D 144 30.53 -17.89 5.93
CA ALA D 144 30.37 -16.80 4.98
C ALA D 144 31.10 -17.15 3.66
N LEU D 145 30.42 -16.90 2.54
CA LEU D 145 30.91 -17.12 1.18
C LEU D 145 30.73 -15.82 0.43
N GLY D 146 31.46 -15.63 -0.67
CA GLY D 146 31.28 -14.44 -1.48
C GLY D 146 31.97 -14.46 -2.82
N CYS D 147 31.83 -13.34 -3.55
CA CYS D 147 32.51 -13.10 -4.82
C CYS D 147 33.15 -11.71 -4.78
N LEU D 148 34.40 -11.62 -5.20
CA LEU D 148 35.10 -10.34 -5.34
C LEU D 148 35.01 -10.01 -6.82
N VAL D 149 34.50 -8.81 -7.13
CA VAL D 149 34.28 -8.36 -8.49
C VAL D 149 35.23 -7.19 -8.68
N LYS D 150 36.34 -7.45 -9.36
CA LYS D 150 37.48 -6.53 -9.38
C LYS D 150 37.72 -5.90 -10.76
N ASP D 151 38.23 -4.67 -10.73
CA ASP D 151 38.78 -3.99 -11.91
C ASP D 151 37.79 -3.77 -13.06
N TYR D 152 36.69 -3.08 -12.76
CA TYR D 152 35.70 -2.74 -13.77
C TYR D 152 35.43 -1.25 -13.84
N PHE D 153 35.02 -0.78 -15.02
CA PHE D 153 34.55 0.59 -15.23
C PHE D 153 33.54 0.61 -16.38
N PRO D 154 32.49 1.44 -16.32
CA PRO D 154 32.08 2.23 -15.16
C PRO D 154 31.14 1.44 -14.24
N GLU D 155 30.61 2.12 -13.22
CA GLU D 155 29.48 1.56 -12.46
C GLU D 155 28.25 1.44 -13.40
N PRO D 156 27.28 0.58 -13.10
CA PRO D 156 27.26 -0.30 -11.96
C PRO D 156 27.33 -1.77 -12.38
N VAL D 157 27.51 -2.63 -11.38
CA VAL D 157 27.53 -4.07 -11.57
C VAL D 157 26.35 -4.58 -10.74
N THR D 158 25.75 -5.71 -11.11
CA THR D 158 24.75 -6.36 -10.26
C THR D 158 25.22 -7.75 -9.86
N VAL D 159 24.80 -8.17 -8.68
CA VAL D 159 25.11 -9.50 -8.17
C VAL D 159 23.84 -10.09 -7.62
N SER D 160 23.55 -11.33 -8.01
CA SER D 160 22.55 -12.15 -7.33
C SER D 160 23.23 -13.47 -6.94
N TRP D 161 22.50 -14.32 -6.21
CA TRP D 161 23.02 -15.62 -5.76
C TRP D 161 22.03 -16.73 -6.10
N ASN D 162 22.52 -17.76 -6.79
CA ASN D 162 21.69 -18.86 -7.31
C ASN D 162 20.50 -18.34 -8.11
N SER D 163 20.81 -17.46 -9.06
CA SER D 163 19.83 -16.87 -9.98
C SER D 163 18.68 -16.15 -9.30
N GLY D 164 18.92 -15.61 -8.10
CA GLY D 164 17.91 -14.91 -7.32
C GLY D 164 17.12 -15.78 -6.35
N ALA D 165 17.39 -17.08 -6.32
CA ALA D 165 16.81 -17.97 -5.32
C ALA D 165 17.32 -17.66 -3.90
N LEU D 166 18.62 -17.36 -3.78
CA LEU D 166 19.25 -17.03 -2.47
C LEU D 166 19.33 -15.52 -2.26
N THR D 167 18.52 -15.02 -1.33
CA THR D 167 18.49 -13.59 -0.93
C THR D 167 18.75 -13.30 0.56
N SER D 168 18.36 -14.23 1.45
CA SER D 168 18.62 -14.08 2.89
C SER D 168 20.10 -14.16 3.20
N GLY D 169 20.58 -13.18 3.96
CA GLY D 169 21.98 -13.11 4.36
C GLY D 169 22.94 -12.53 3.34
N VAL D 170 22.42 -12.06 2.20
CA VAL D 170 23.24 -11.46 1.15
C VAL D 170 23.52 -9.99 1.47
N HIS D 171 24.79 -9.62 1.37
CA HIS D 171 25.21 -8.22 1.36
C HIS D 171 26.11 -8.01 0.15
N THR D 172 25.73 -7.06 -0.68
CA THR D 172 26.52 -6.60 -1.80
C THR D 172 26.92 -5.19 -1.42
N PHE D 173 28.22 -4.99 -1.31
CA PHE D 173 28.77 -3.75 -0.78
C PHE D 173 28.82 -2.67 -1.85
N PRO D 174 28.75 -1.39 -1.43
CA PRO D 174 29.09 -0.31 -2.36
C PRO D 174 30.48 -0.51 -2.97
N ALA D 175 30.63 -0.23 -4.27
CA ALA D 175 31.92 -0.31 -4.92
C ALA D 175 32.86 0.74 -4.35
N VAL D 176 34.15 0.45 -4.40
CA VAL D 176 35.18 1.43 -4.08
C VAL D 176 35.97 1.71 -5.34
N LEU D 177 36.30 2.98 -5.55
CA LEU D 177 37.18 3.39 -6.63
C LEU D 177 38.60 3.21 -6.09
N GLN D 178 39.39 2.35 -6.74
CA GLN D 178 40.78 2.11 -6.33
C GLN D 178 41.68 3.11 -7.09
N SER D 179 42.94 3.24 -6.67
CA SER D 179 43.87 4.22 -7.25
C SER D 179 44.16 4.04 -8.76
N SER D 180 43.77 2.90 -9.31
CA SER D 180 43.91 2.63 -10.74
C SER D 180 42.83 3.29 -11.60
N GLY D 181 41.80 3.85 -10.98
CA GLY D 181 40.66 4.38 -11.71
C GLY D 181 39.59 3.33 -12.02
N LEU D 182 39.77 2.11 -11.51
CA LEU D 182 38.81 1.02 -11.69
C LEU D 182 38.06 0.76 -10.38
N TYR D 183 36.84 0.25 -10.50
CA TYR D 183 36.02 -0.09 -9.36
C TYR D 183 36.28 -1.53 -8.91
N SER D 184 36.07 -1.76 -7.62
CA SER D 184 36.06 -3.11 -7.06
C SER D 184 34.91 -3.24 -6.08
N LEU D 185 34.33 -4.44 -6.03
CA LEU D 185 33.15 -4.70 -5.23
C LEU D 185 33.21 -6.12 -4.72
N SER D 186 32.72 -6.35 -3.50
CA SER D 186 32.50 -7.72 -3.04
C SER D 186 31.04 -7.90 -2.66
N SER D 187 30.53 -9.09 -2.92
CA SER D 187 29.19 -9.52 -2.47
C SER D 187 29.38 -10.79 -1.66
N VAL D 188 28.78 -10.82 -0.48
CA VAL D 188 28.93 -11.93 0.46
C VAL D 188 27.56 -12.49 0.85
N VAL D 189 27.56 -13.70 1.39
CA VAL D 189 26.34 -14.33 1.89
C VAL D 189 26.68 -15.21 3.09
N THR D 190 25.86 -15.12 4.13
CA THR D 190 26.01 -16.00 5.31
C THR D 190 25.08 -17.18 5.12
N VAL D 191 25.63 -18.38 5.29
CA VAL D 191 24.90 -19.62 5.14
C VAL D 191 25.26 -20.57 6.27
N PRO D 192 24.45 -21.63 6.47
CA PRO D 192 24.85 -22.66 7.43
C PRO D 192 26.04 -23.47 6.92
N SER D 193 27.01 -23.69 7.78
CA SER D 193 28.22 -24.45 7.47
C SER D 193 27.93 -25.93 7.08
N SER D 194 26.89 -26.50 7.67
CA SER D 194 26.42 -27.85 7.33
C SER D 194 25.90 -28.01 5.89
N SER D 195 25.65 -26.89 5.20
CA SER D 195 25.20 -26.89 3.81
C SER D 195 26.31 -26.94 2.76
N LEU D 196 27.57 -26.79 3.17
CA LEU D 196 28.66 -26.55 2.23
C LEU D 196 29.00 -27.76 1.35
N GLY D 197 28.86 -28.96 1.89
CA GLY D 197 28.98 -30.17 1.08
C GLY D 197 27.85 -30.36 0.08
N THR D 198 26.64 -29.98 0.47
CA THR D 198 25.42 -30.45 -0.20
C THR D 198 24.75 -29.41 -1.13
N GLN D 199 24.72 -28.12 -0.73
CA GLN D 199 24.06 -27.07 -1.53
C GLN D 199 25.09 -26.28 -2.37
N THR D 200 24.68 -25.92 -3.59
CA THR D 200 25.53 -25.18 -4.54
C THR D 200 25.29 -23.66 -4.41
N TYR D 201 26.38 -22.90 -4.35
CA TYR D 201 26.34 -21.44 -4.24
C TYR D 201 27.06 -20.80 -5.42
N ILE D 202 26.29 -20.11 -6.27
CA ILE D 202 26.81 -19.47 -7.47
C ILE D 202 26.39 -18.00 -7.45
N CYS D 203 27.37 -17.11 -7.62
CA CYS D 203 27.07 -15.69 -7.78
C CYS D 203 26.94 -15.37 -9.26
N ASN D 204 25.95 -14.52 -9.58
CA ASN D 204 25.65 -14.11 -10.94
C ASN D 204 25.97 -12.63 -11.06
N VAL D 205 27.09 -12.35 -11.72
CA VAL D 205 27.58 -11.00 -11.88
C VAL D 205 27.19 -10.51 -13.27
N ASN D 206 26.61 -9.32 -13.34
CA ASN D 206 26.26 -8.70 -14.61
C ASN D 206 26.84 -7.28 -14.66
N HIS D 207 27.74 -7.05 -15.64
CA HIS D 207 28.25 -5.72 -15.96
C HIS D 207 27.81 -5.36 -17.40
N LYS D 208 26.60 -4.80 -17.49
CA LYS D 208 26.02 -4.44 -18.79
C LYS D 208 26.86 -3.49 -19.65
N PRO D 209 27.56 -2.52 -19.03
CA PRO D 209 28.42 -1.66 -19.84
C PRO D 209 29.43 -2.41 -20.71
N SER D 210 30.00 -3.51 -20.21
CA SER D 210 30.94 -4.34 -20.98
C SER D 210 30.33 -5.64 -21.56
N ASN D 211 29.02 -5.83 -21.37
CA ASN D 211 28.32 -7.07 -21.74
C ASN D 211 29.07 -8.33 -21.27
N THR D 212 29.50 -8.29 -20.01
CA THR D 212 30.12 -9.46 -19.37
C THR D 212 29.15 -10.00 -18.33
N LYS D 213 28.85 -11.28 -18.43
CA LYS D 213 28.02 -11.98 -17.47
C LYS D 213 28.78 -13.19 -16.99
N VAL D 214 29.11 -13.22 -15.70
CA VAL D 214 29.88 -14.32 -15.12
C VAL D 214 29.03 -14.99 -14.04
N ASP D 215 28.98 -16.32 -14.11
CA ASP D 215 28.44 -17.16 -13.04
C ASP D 215 29.62 -17.83 -12.36
N LYS D 216 29.88 -17.51 -11.09
CA LYS D 216 30.99 -18.15 -10.38
C LYS D 216 30.50 -19.01 -9.25
N LYS D 217 30.78 -20.31 -9.36
CA LYS D 217 30.52 -21.24 -8.27
C LYS D 217 31.58 -20.98 -7.19
N VAL D 218 31.10 -20.82 -5.96
CA VAL D 218 31.95 -20.54 -4.81
C VAL D 218 31.90 -21.75 -3.90
N GLU D 219 33.03 -22.45 -3.80
CA GLU D 219 33.11 -23.68 -3.01
C GLU D 219 34.24 -23.54 -2.01
N PRO D 220 34.12 -24.24 -0.85
CA PRO D 220 35.21 -24.26 0.12
C PRO D 220 36.47 -24.84 -0.51
N LYS D 221 37.63 -24.29 -0.14
CA LYS D 221 38.91 -24.68 -0.75
C LYS D 221 39.24 -26.15 -0.46
N SER D 222 39.80 -26.83 -1.47
CA SER D 222 40.09 -28.27 -1.39
C SER D 222 41.43 -28.55 -0.69
N CYS D 223 41.45 -29.64 0.08
CA CYS D 223 42.65 -30.08 0.83
C CYS D 223 42.92 -31.55 0.50
N ASP E 1 15.22 31.79 -7.84
CA ASP E 1 15.20 30.41 -7.31
C ASP E 1 14.73 30.40 -5.87
N ILE E 2 13.83 29.49 -5.53
CA ILE E 2 13.40 29.32 -4.16
C ILE E 2 14.39 28.35 -3.51
N GLN E 3 15.06 28.80 -2.46
CA GLN E 3 15.93 27.92 -1.69
C GLN E 3 15.11 27.24 -0.59
N MET E 4 15.24 25.92 -0.51
CA MET E 4 14.59 25.10 0.51
C MET E 4 15.65 24.67 1.52
N THR E 5 15.46 25.07 2.78
CA THR E 5 16.40 24.80 3.85
C THR E 5 15.87 23.67 4.76
N GLN E 6 16.42 22.47 4.57
CA GLN E 6 16.00 21.28 5.32
C GLN E 6 16.89 21.09 6.56
N SER E 7 16.32 20.46 7.58
CA SER E 7 17.02 20.25 8.85
C SER E 7 16.31 19.19 9.67
N PRO E 8 17.04 18.29 10.33
CA PRO E 8 18.49 18.17 10.27
C PRO E 8 18.97 17.41 9.03
N SER E 9 20.28 17.42 8.82
CA SER E 9 20.91 16.77 7.66
C SER E 9 20.99 15.27 7.85
N SER E 10 21.07 14.85 9.10
CA SER E 10 20.93 13.44 9.45
C SER E 10 20.22 13.35 10.78
N LEU E 11 19.53 12.22 10.98
CA LEU E 11 18.84 11.95 12.21
C LEU E 11 18.92 10.46 12.52
N SER E 12 19.16 10.15 13.80
CA SER E 12 19.20 8.79 14.32
C SER E 12 18.23 8.70 15.49
N ALA E 13 17.36 7.69 15.52
CA ALA E 13 16.32 7.57 16.55
C ALA E 13 15.84 6.13 16.75
N SER E 14 15.29 5.84 17.92
CA SER E 14 14.84 4.49 18.23
C SER E 14 13.53 4.11 17.54
N VAL E 15 13.32 2.81 17.36
CA VAL E 15 12.02 2.30 16.91
C VAL E 15 10.97 2.75 17.93
N GLY E 16 9.90 3.36 17.43
CA GLY E 16 8.83 3.87 18.29
C GLY E 16 8.98 5.31 18.73
N ASP E 17 10.17 5.90 18.53
CA ASP E 17 10.35 7.33 18.76
C ASP E 17 9.57 8.10 17.72
N ARG E 18 9.28 9.35 18.06
CA ARG E 18 8.75 10.32 17.13
C ARG E 18 9.96 11.06 16.54
N VAL E 19 9.96 11.24 15.22
CA VAL E 19 10.98 12.05 14.56
C VAL E 19 10.32 13.17 13.75
N THR E 20 10.97 14.32 13.74
CA THR E 20 10.49 15.51 13.05
C THR E 20 11.60 15.97 12.10
N ILE E 21 11.22 16.41 10.90
CA ILE E 21 12.12 17.03 9.92
C ILE E 21 11.47 18.35 9.54
N THR E 22 12.25 19.43 9.46
CA THR E 22 11.73 20.72 9.06
C THR E 22 12.30 21.15 7.72
N CYS E 23 11.57 22.03 7.05
CA CYS E 23 11.94 22.61 5.77
C CYS E 23 11.45 24.05 5.80
N GLN E 24 12.30 24.97 5.36
CA GLN E 24 11.95 26.38 5.29
C GLN E 24 12.19 26.90 3.89
N ALA E 25 11.18 27.50 3.28
CA ALA E 25 11.31 28.13 1.97
C ALA E 25 11.74 29.58 2.12
N SER E 26 12.53 30.05 1.16
CA SER E 26 13.02 31.43 1.13
C SER E 26 11.92 32.45 0.74
N GLN E 27 10.77 31.99 0.27
CA GLN E 27 9.58 32.83 0.09
C GLN E 27 8.32 32.02 0.36
N ASP E 28 7.18 32.69 0.43
CA ASP E 28 5.89 32.03 0.66
C ASP E 28 5.52 31.18 -0.57
N ILE E 29 5.29 29.89 -0.31
CA ILE E 29 4.90 28.91 -1.34
C ILE E 29 3.56 28.23 -1.02
N LYS E 30 2.79 28.82 -0.09
CA LYS E 30 1.52 28.28 0.36
C LYS E 30 1.66 26.81 0.74
N ASN E 31 0.92 25.93 0.11
CA ASN E 31 1.00 24.51 0.39
C ASN E 31 1.63 23.75 -0.81
N TYR E 32 2.36 24.43 -1.68
CA TYR E 32 2.95 23.80 -2.89
C TYR E 32 4.24 23.07 -2.52
N LEU E 33 4.08 22.01 -1.73
CA LEU E 33 5.18 21.31 -1.09
C LEU E 33 4.86 19.81 -1.14
N ASN E 34 5.87 19.00 -1.44
CA ASN E 34 5.80 17.53 -1.34
C ASN E 34 6.94 17.08 -0.48
N TRP E 35 6.73 16.00 0.28
CA TRP E 35 7.82 15.32 0.96
C TRP E 35 8.02 13.96 0.30
N TYR E 36 9.26 13.66 -0.09
CA TYR E 36 9.60 12.37 -0.66
C TYR E 36 10.47 11.56 0.30
N GLN E 37 10.37 10.23 0.17
CA GLN E 37 11.21 9.25 0.86
C GLN E 37 12.00 8.51 -0.23
N GLN E 38 13.32 8.51 -0.12
CA GLN E 38 14.16 7.75 -1.02
C GLN E 38 14.93 6.70 -0.26
N LYS E 39 14.52 5.44 -0.42
CA LYS E 39 15.28 4.33 0.11
C LYS E 39 16.50 4.11 -0.78
N PRO E 40 17.57 3.53 -0.23
CA PRO E 40 18.83 3.38 -0.99
C PRO E 40 18.66 2.57 -2.28
N GLY E 41 19.11 3.14 -3.39
CA GLY E 41 19.03 2.49 -4.71
C GLY E 41 17.71 2.59 -5.44
N LYS E 42 16.77 3.36 -4.90
CA LYS E 42 15.43 3.46 -5.42
C LYS E 42 15.10 4.91 -5.77
N ALA E 43 14.04 5.09 -6.53
CA ALA E 43 13.53 6.43 -6.81
C ALA E 43 12.90 7.06 -5.55
N PRO E 44 12.92 8.40 -5.45
CA PRO E 44 12.11 9.07 -4.46
C PRO E 44 10.64 8.70 -4.59
N LYS E 45 9.98 8.50 -3.46
CA LYS E 45 8.60 8.06 -3.42
C LYS E 45 7.81 9.12 -2.67
N LEU E 46 6.70 9.57 -3.25
CA LEU E 46 5.87 10.62 -2.65
C LEU E 46 5.14 10.10 -1.42
N LEU E 47 5.32 10.75 -0.27
CA LEU E 47 4.63 10.37 0.98
C LEU E 47 3.58 11.36 1.41
N ILE E 48 3.96 12.63 1.43
CA ILE E 48 3.06 13.71 1.79
C ILE E 48 3.03 14.69 0.61
N TYR E 49 1.83 14.99 0.13
CA TYR E 49 1.64 15.92 -0.97
C TYR E 49 0.83 17.12 -0.57
N ASP E 50 1.02 18.24 -1.24
CA ASP E 50 0.36 19.50 -0.90
C ASP E 50 0.52 19.86 0.57
N ALA E 51 1.73 19.66 1.10
CA ALA E 51 2.07 19.93 2.48
C ALA E 51 1.51 19.08 3.63
N SER E 52 0.24 18.70 3.59
CA SER E 52 -0.34 17.95 4.68
C SER E 52 -1.10 16.72 4.31
N ASN E 53 -1.21 16.46 3.02
CA ASN E 53 -1.99 15.32 2.59
C ASN E 53 -1.24 14.01 2.46
N LEU E 54 -1.80 12.97 3.05
CA LEU E 54 -1.16 11.66 3.02
C LEU E 54 -1.48 11.01 1.68
N GLU E 55 -0.45 10.50 1.00
CA GLU E 55 -0.63 9.92 -0.32
C GLU E 55 -1.21 8.52 -0.16
N THR E 56 -1.99 8.09 -1.15
CA THR E 56 -2.63 6.77 -1.15
C THR E 56 -1.62 5.66 -0.84
N GLY E 57 -1.98 4.79 0.10
CA GLY E 57 -1.14 3.66 0.50
C GLY E 57 -0.04 3.95 1.49
N VAL E 58 0.20 5.22 1.80
CA VAL E 58 1.29 5.60 2.71
C VAL E 58 0.73 5.39 4.13
N PRO E 59 1.49 4.69 5.00
CA PRO E 59 1.03 4.44 6.38
C PRO E 59 0.72 5.70 7.18
N SER E 60 -0.18 5.58 8.14
CA SER E 60 -0.69 6.74 8.89
C SER E 60 0.31 7.36 9.88
N ARG E 61 1.39 6.65 10.22
CA ARG E 61 2.48 7.25 11.02
C ARG E 61 3.12 8.52 10.37
N PHE E 62 3.02 8.63 9.04
CA PHE E 62 3.50 9.81 8.32
C PHE E 62 2.46 10.94 8.24
N SER E 63 2.94 12.18 8.36
CA SER E 63 2.07 13.34 8.31
C SER E 63 2.89 14.59 8.05
N GLY E 64 2.24 15.63 7.56
CA GLY E 64 2.92 16.89 7.26
C GLY E 64 2.14 18.07 7.78
N SER E 65 2.82 19.19 7.98
CA SER E 65 2.20 20.41 8.54
C SER E 65 2.73 21.66 7.88
N GLY E 66 2.02 22.75 8.07
CA GLY E 66 2.48 24.01 7.58
C GLY E 66 2.09 24.60 6.27
N SER E 67 2.14 25.92 6.18
CA SER E 67 1.88 26.57 4.93
C SER E 67 2.69 27.82 4.86
N GLY E 68 3.02 28.25 3.67
CA GLY E 68 3.84 29.41 3.41
C GLY E 68 5.34 29.32 3.38
N THR E 69 6.00 29.12 4.50
CA THR E 69 7.45 29.14 4.53
C THR E 69 7.95 28.05 5.42
N ASP E 70 7.20 27.77 6.46
CA ASP E 70 7.67 26.78 7.43
C ASP E 70 6.85 25.51 7.32
N PHE E 71 7.54 24.38 7.22
CA PHE E 71 6.93 23.08 6.97
C PHE E 71 7.54 22.00 7.85
N THR E 72 6.72 21.06 8.27
CA THR E 72 7.17 20.00 9.16
C THR E 72 6.66 18.66 8.67
N PHE E 73 7.53 17.66 8.76
CA PHE E 73 7.22 16.29 8.39
C PHE E 73 7.53 15.45 9.61
N THR E 74 6.67 14.49 9.90
CA THR E 74 6.68 13.80 11.18
C THR E 74 6.39 12.33 10.98
N ILE E 75 7.15 11.47 11.66
CA ILE E 75 6.86 10.04 11.76
C ILE E 75 6.50 9.77 13.22
N SER E 76 5.24 9.36 13.46
CA SER E 76 4.67 9.20 14.81
C SER E 76 5.49 8.25 15.66
N SER E 77 5.74 7.08 15.08
CA SER E 77 6.38 5.98 15.75
C SER E 77 7.27 5.32 14.72
N LEU E 78 8.58 5.52 14.85
CA LEU E 78 9.53 5.11 13.85
C LEU E 78 9.57 3.58 13.75
N GLN E 79 9.63 3.06 12.52
CA GLN E 79 9.75 1.62 12.27
C GLN E 79 11.06 1.33 11.55
N PRO E 80 11.57 0.09 11.64
CA PRO E 80 12.82 -0.32 10.94
C PRO E 80 12.87 -0.01 9.43
N GLU E 81 11.75 -0.14 8.74
CA GLU E 81 11.70 0.05 7.29
C GLU E 81 11.69 1.53 6.86
N ASP E 82 11.67 2.47 7.81
CA ASP E 82 11.67 3.90 7.52
C ASP E 82 13.08 4.46 7.25
N ILE E 83 14.08 3.60 7.25
CA ILE E 83 15.44 3.95 6.80
C ILE E 83 15.41 4.46 5.39
N ALA E 84 15.83 5.70 5.21
CA ALA E 84 15.78 6.37 3.92
C ALA E 84 16.38 7.76 4.06
N THR E 85 16.57 8.42 2.92
CA THR E 85 16.82 9.87 2.90
C THR E 85 15.52 10.53 2.51
N TYR E 86 15.13 11.56 3.25
CA TYR E 86 13.88 12.30 3.04
C TYR E 86 14.17 13.69 2.46
N TYR E 87 13.29 14.16 1.57
CA TYR E 87 13.45 15.45 0.87
C TYR E 87 12.13 16.23 0.86
N CYS E 88 12.18 17.55 1.06
CA CYS E 88 11.08 18.43 0.73
C CYS E 88 11.27 18.95 -0.69
N GLN E 89 10.18 19.34 -1.32
CA GLN E 89 10.28 19.84 -2.72
C GLN E 89 9.19 20.88 -2.96
N GLN E 90 9.57 22.03 -3.46
CA GLN E 90 8.58 23.09 -3.80
C GLN E 90 8.24 22.95 -5.29
N PHE E 91 7.01 23.29 -5.65
CA PHE E 91 6.52 23.27 -7.04
C PHE E 91 5.70 24.53 -7.32
N ASP E 92 5.96 25.58 -6.55
CA ASP E 92 5.29 26.90 -6.72
C ASP E 92 5.84 27.57 -7.98
N ASN E 93 7.13 27.44 -8.21
CA ASN E 93 7.81 28.03 -9.39
C ASN E 93 8.84 27.10 -9.96
N LEU E 94 9.23 27.38 -11.19
CA LEU E 94 10.46 26.82 -11.75
C LEU E 94 11.61 27.76 -11.38
N PRO E 95 12.82 27.26 -11.18
CA PRO E 95 13.13 25.83 -11.15
C PRO E 95 12.52 25.12 -9.95
N ILE E 96 12.14 23.86 -10.14
CA ILE E 96 11.71 23.02 -9.03
C ILE E 96 12.93 22.77 -8.16
N THR E 97 12.78 22.99 -6.86
CA THR E 97 13.89 22.91 -5.92
C THR E 97 13.59 22.04 -4.70
N PHE E 98 14.65 21.43 -4.17
CA PHE E 98 14.57 20.45 -3.11
C PHE E 98 15.39 20.88 -1.92
N GLY E 99 15.03 20.37 -0.74
CA GLY E 99 15.90 20.38 0.43
C GLY E 99 17.07 19.44 0.16
N GLN E 100 18.03 19.38 1.08
N GLN E 100 18.01 19.39 1.10
CA GLN E 100 19.34 18.80 0.77
CA GLN E 100 19.34 18.84 0.86
C GLN E 100 19.64 17.27 0.89
C GLN E 100 19.63 17.30 0.91
N GLY E 101 19.01 16.44 1.73
CA GLY E 101 17.92 16.71 2.67
C GLY E 101 18.26 15.92 3.95
N THR E 102 17.61 14.78 4.26
CA THR E 102 17.80 14.14 5.60
C THR E 102 18.00 12.62 5.62
N ARG E 103 19.18 12.18 6.01
CA ARG E 103 19.45 10.76 6.14
C ARG E 103 18.98 10.25 7.49
N LEU E 104 18.05 9.32 7.44
CA LEU E 104 17.48 8.77 8.66
C LEU E 104 18.07 7.39 8.91
N GLU E 105 18.57 7.18 10.13
N GLU E 105 18.63 7.18 10.12
CA GLU E 105 19.09 5.90 10.59
CA GLU E 105 19.07 5.86 10.56
C GLU E 105 18.30 5.49 11.83
C GLU E 105 18.33 5.49 11.83
N ILE E 106 18.35 4.21 12.17
CA ILE E 106 17.69 3.71 13.36
C ILE E 106 18.71 3.30 14.40
N LYS E 107 18.52 3.83 15.61
CA LYS E 107 19.27 3.48 16.79
C LYS E 107 18.63 2.22 17.36
N ARG E 108 19.43 1.15 17.47
CA ARG E 108 19.01 -0.12 18.06
C ARG E 108 20.01 -0.49 19.16
N THR E 109 19.87 -1.69 19.73
CA THR E 109 20.84 -2.19 20.71
C THR E 109 22.14 -2.58 20.03
N VAL E 110 23.24 -2.58 20.79
CA VAL E 110 24.55 -2.88 20.22
C VAL E 110 24.65 -4.35 19.84
N ALA E 111 25.16 -4.60 18.64
CA ALA E 111 25.40 -5.95 18.14
C ALA E 111 26.82 -6.01 17.68
N ALA E 112 27.60 -6.94 18.23
CA ALA E 112 28.98 -7.12 17.80
C ALA E 112 28.98 -7.72 16.41
N PRO E 113 29.99 -7.37 15.58
CA PRO E 113 30.08 -8.03 14.28
C PRO E 113 30.45 -9.50 14.40
N SER E 114 30.04 -10.30 13.42
CA SER E 114 30.66 -11.61 13.18
C SER E 114 31.77 -11.32 12.19
N VAL E 115 32.97 -11.83 12.48
CA VAL E 115 34.14 -11.53 11.68
C VAL E 115 34.57 -12.79 10.90
N PHE E 116 34.84 -12.60 9.59
CA PHE E 116 35.36 -13.65 8.72
C PHE E 116 36.53 -13.09 7.91
N ILE E 117 37.50 -13.94 7.56
CA ILE E 117 38.64 -13.52 6.74
C ILE E 117 38.70 -14.41 5.51
N PHE E 118 39.09 -13.83 4.38
CA PHE E 118 39.12 -14.53 3.11
C PHE E 118 40.48 -14.37 2.46
N PRO E 119 41.20 -15.49 2.22
CA PRO E 119 42.45 -15.37 1.49
C PRO E 119 42.22 -15.02 0.02
N PRO E 120 43.28 -14.59 -0.68
CA PRO E 120 43.18 -14.47 -2.13
C PRO E 120 42.92 -15.84 -2.76
N SER E 121 42.17 -15.86 -3.86
CA SER E 121 41.99 -17.08 -4.66
C SER E 121 43.28 -17.37 -5.43
N ASP E 122 43.53 -18.64 -5.75
CA ASP E 122 44.62 -19.00 -6.67
C ASP E 122 44.44 -18.36 -8.04
N GLU E 123 43.19 -18.28 -8.46
CA GLU E 123 42.80 -17.67 -9.73
C GLU E 123 43.35 -16.25 -9.87
N GLN E 124 43.21 -15.45 -8.81
CA GLN E 124 43.69 -14.06 -8.79
C GLN E 124 45.21 -13.97 -8.77
N LEU E 125 45.86 -14.88 -8.06
CA LEU E 125 47.33 -14.88 -7.92
C LEU E 125 48.05 -14.99 -9.27
N LYS E 126 47.50 -15.78 -10.18
CA LYS E 126 48.01 -15.88 -11.56
C LYS E 126 48.21 -14.51 -12.22
N SER E 127 47.28 -13.59 -11.95
CA SER E 127 47.35 -12.24 -12.52
C SER E 127 48.32 -11.26 -11.81
N GLY E 128 49.06 -11.71 -10.80
CA GLY E 128 50.05 -10.87 -10.12
C GLY E 128 49.58 -10.00 -8.95
N THR E 129 48.30 -10.12 -8.56
CA THR E 129 47.72 -9.34 -7.46
C THR E 129 47.05 -10.27 -6.43
N ALA E 130 47.04 -9.83 -5.18
CA ALA E 130 46.36 -10.55 -4.12
C ALA E 130 45.44 -9.59 -3.37
N SER E 131 44.16 -9.91 -3.31
CA SER E 131 43.18 -9.19 -2.53
C SER E 131 42.78 -10.12 -1.40
N VAL E 132 42.93 -9.65 -0.17
CA VAL E 132 42.56 -10.45 1.00
C VAL E 132 41.52 -9.58 1.70
N VAL E 133 40.34 -10.15 1.99
CA VAL E 133 39.20 -9.36 2.45
C VAL E 133 38.67 -9.83 3.81
N CYS E 134 38.20 -8.83 4.56
CA CYS E 134 37.65 -9.03 5.88
C CYS E 134 36.20 -8.57 5.87
N LEU E 135 35.32 -9.44 6.35
CA LEU E 135 33.91 -9.17 6.48
C LEU E 135 33.61 -8.97 7.96
N LEU E 136 32.99 -7.84 8.30
CA LEU E 136 32.33 -7.64 9.59
C LEU E 136 30.84 -7.68 9.28
N ASN E 137 30.14 -8.65 9.84
CA ASN E 137 28.75 -8.88 9.49
C ASN E 137 27.76 -8.46 10.58
N ASN E 138 26.73 -7.71 10.17
CA ASN E 138 25.54 -7.43 11.00
C ASN E 138 25.84 -6.87 12.40
N PHE E 139 26.37 -5.64 12.42
CA PHE E 139 26.74 -4.97 13.65
C PHE E 139 26.05 -3.61 13.80
N TYR E 140 25.94 -3.16 15.05
CA TYR E 140 25.48 -1.81 15.39
C TYR E 140 26.18 -1.38 16.68
N PRO E 141 26.68 -0.14 16.79
CA PRO E 141 26.62 0.92 15.78
C PRO E 141 27.61 0.77 14.61
N ARG E 142 27.49 1.70 13.64
CA ARG E 142 28.32 1.74 12.42
C ARG E 142 29.83 1.90 12.67
N GLU E 143 30.20 2.61 13.73
CA GLU E 143 31.60 2.86 14.05
C GLU E 143 32.34 1.56 14.36
N ALA E 144 33.35 1.25 13.55
CA ALA E 144 34.14 0.04 13.68
C ALA E 144 35.53 0.29 13.13
N LYS E 145 36.53 -0.30 13.77
CA LYS E 145 37.92 -0.16 13.35
C LYS E 145 38.43 -1.51 12.87
N VAL E 146 38.96 -1.54 11.65
CA VAL E 146 39.61 -2.72 11.08
C VAL E 146 41.08 -2.42 10.97
N GLN E 147 41.93 -3.30 11.49
CA GLN E 147 43.37 -3.16 11.40
C GLN E 147 43.94 -4.44 10.80
N TRP E 148 44.58 -4.33 9.63
CA TRP E 148 45.29 -5.47 9.04
C TRP E 148 46.68 -5.62 9.65
N LYS E 149 47.11 -6.87 9.81
CA LYS E 149 48.43 -7.20 10.31
C LYS E 149 49.04 -8.33 9.48
N VAL E 150 50.28 -8.15 9.05
CA VAL E 150 51.00 -9.17 8.27
C VAL E 150 52.29 -9.52 9.01
N ASP E 151 52.37 -10.75 9.51
CA ASP E 151 53.40 -11.17 10.48
C ASP E 151 53.54 -10.14 11.63
N ASN E 152 52.39 -9.77 12.18
CA ASN E 152 52.23 -8.72 13.19
C ASN E 152 52.60 -7.29 12.78
N ALA E 153 53.01 -7.07 11.52
CA ALA E 153 53.26 -5.70 11.03
C ALA E 153 51.93 -5.02 10.71
N LEU E 154 51.66 -3.92 11.41
CA LEU E 154 50.49 -3.09 11.15
C LEU E 154 50.59 -2.47 9.76
N GLN E 155 49.51 -2.60 9.00
CA GLN E 155 49.47 -2.15 7.62
C GLN E 155 48.82 -0.80 7.58
N SER E 156 49.18 0.00 6.58
CA SER E 156 48.54 1.30 6.39
C SER E 156 48.62 1.74 4.92
N GLY E 157 47.55 2.37 4.45
CA GLY E 157 47.48 2.88 3.08
C GLY E 157 47.32 1.85 1.97
N ASN E 158 47.17 0.57 2.31
CA ASN E 158 47.01 -0.48 1.30
C ASN E 158 45.67 -1.21 1.46
N SER E 159 44.70 -0.57 2.14
CA SER E 159 43.38 -1.13 2.32
C SER E 159 42.27 -0.11 2.04
N GLN E 160 41.08 -0.61 1.72
CA GLN E 160 39.89 0.22 1.45
C GLN E 160 38.66 -0.45 2.03
N GLU E 161 37.75 0.37 2.54
CA GLU E 161 36.54 -0.11 3.22
C GLU E 161 35.30 0.28 2.46
N SER E 162 34.25 -0.51 2.66
CA SER E 162 32.93 -0.22 2.16
C SER E 162 31.94 -0.70 3.22
N VAL E 163 30.84 0.04 3.38
CA VAL E 163 29.82 -0.26 4.38
C VAL E 163 28.45 -0.30 3.71
N THR E 164 27.68 -1.35 3.96
CA THR E 164 26.34 -1.45 3.39
C THR E 164 25.42 -0.42 4.04
N GLU E 165 24.32 -0.15 3.34
CA GLU E 165 23.25 0.66 3.88
C GLU E 165 22.62 -0.12 5.03
N GLN E 166 22.13 0.59 6.05
CA GLN E 166 21.50 -0.05 7.20
C GLN E 166 20.38 -0.98 6.75
N ASP E 167 20.32 -2.17 7.33
CA ASP E 167 19.32 -3.17 6.96
C ASP E 167 17.93 -2.72 7.37
N SER E 168 16.94 -3.02 6.54
CA SER E 168 15.55 -2.62 6.78
C SER E 168 14.85 -3.37 7.91
N LYS E 169 15.35 -4.54 8.28
CA LYS E 169 14.67 -5.40 9.27
C LYS E 169 15.40 -5.33 10.62
N ASP E 170 16.66 -5.77 10.64
CA ASP E 170 17.43 -5.83 11.89
C ASP E 170 18.23 -4.56 12.21
N SER E 171 18.17 -3.54 11.35
CA SER E 171 18.83 -2.25 11.60
C SER E 171 20.37 -2.34 11.82
N THR E 172 21.01 -3.35 11.24
CA THR E 172 22.46 -3.50 11.35
C THR E 172 23.16 -3.08 10.06
N TYR E 173 24.48 -2.96 10.20
CA TYR E 173 25.38 -2.67 9.11
C TYR E 173 26.34 -3.83 8.91
N SER E 174 26.95 -3.87 7.74
CA SER E 174 28.03 -4.80 7.45
C SER E 174 29.13 -4.01 6.79
N LEU E 175 30.36 -4.45 7.01
CA LEU E 175 31.53 -3.78 6.45
C LEU E 175 32.47 -4.80 5.80
N SER E 176 33.12 -4.37 4.75
CA SER E 176 34.10 -5.18 4.03
C SER E 176 35.35 -4.36 3.95
N SER E 177 36.49 -4.93 4.33
CA SER E 177 37.80 -4.29 4.13
C SER E 177 38.67 -5.18 3.24
N THR E 178 39.31 -4.60 2.21
CA THR E 178 40.12 -5.34 1.27
C THR E 178 41.55 -4.87 1.42
N LEU E 179 42.47 -5.77 1.78
CA LEU E 179 43.90 -5.48 1.77
C LEU E 179 44.47 -5.92 0.44
N THR E 180 45.02 -4.99 -0.33
CA THR E 180 45.57 -5.27 -1.66
C THR E 180 47.10 -5.30 -1.66
N LEU E 181 47.67 -6.43 -2.06
CA LEU E 181 49.12 -6.60 -2.22
C LEU E 181 49.46 -7.12 -3.62
N SER E 182 50.72 -6.94 -4.01
CA SER E 182 51.27 -7.65 -5.18
C SER E 182 51.49 -9.10 -4.79
N LYS E 183 51.50 -9.99 -5.78
CA LYS E 183 51.72 -11.42 -5.57
C LYS E 183 53.02 -11.66 -4.82
N ALA E 184 54.08 -11.01 -5.28
CA ALA E 184 55.42 -11.11 -4.66
C ALA E 184 55.40 -10.78 -3.16
N ASP E 185 54.78 -9.65 -2.79
CA ASP E 185 54.68 -9.24 -1.38
C ASP E 185 53.81 -10.21 -0.58
N TYR E 186 52.71 -10.67 -1.16
CA TYR E 186 51.87 -11.69 -0.53
C TYR E 186 52.64 -12.97 -0.19
N GLU E 187 53.49 -13.43 -1.09
CA GLU E 187 54.25 -14.67 -0.86
C GLU E 187 55.48 -14.51 0.03
N LYS E 188 55.89 -13.27 0.36
CA LYS E 188 56.94 -13.04 1.39
C LYS E 188 56.49 -13.47 2.78
N HIS E 189 55.20 -13.32 3.08
CA HIS E 189 54.69 -13.44 4.46
C HIS E 189 53.75 -14.62 4.65
N LYS E 190 53.49 -14.91 5.93
CA LYS E 190 52.76 -16.11 6.34
C LYS E 190 51.41 -15.78 6.97
N VAL E 191 51.43 -15.07 8.11
CA VAL E 191 50.24 -14.84 8.91
C VAL E 191 49.53 -13.56 8.47
N TYR E 192 48.30 -13.71 7.94
CA TYR E 192 47.45 -12.58 7.54
C TYR E 192 46.30 -12.47 8.50
N ALA E 193 46.19 -11.33 9.17
CA ALA E 193 45.25 -11.17 10.26
C ALA E 193 44.43 -9.89 10.13
N CYS E 194 43.16 -10.01 10.49
CA CYS E 194 42.22 -8.91 10.51
C CYS E 194 41.83 -8.71 11.96
N GLU E 195 42.10 -7.54 12.50
CA GLU E 195 41.69 -7.19 13.87
C GLU E 195 40.56 -6.19 13.89
N VAL E 196 39.53 -6.48 14.66
CA VAL E 196 38.37 -5.63 14.73
C VAL E 196 38.07 -5.12 16.11
N THR E 197 37.80 -3.83 16.20
CA THR E 197 37.44 -3.22 17.46
C THR E 197 36.07 -2.62 17.30
N HIS E 198 35.17 -2.92 18.22
CA HIS E 198 33.80 -2.47 18.13
C HIS E 198 33.19 -2.48 19.53
N GLN E 199 32.20 -1.62 19.78
CA GLN E 199 31.60 -1.45 21.11
C GLN E 199 30.97 -2.72 21.70
N GLY E 200 30.33 -3.51 20.83
CA GLY E 200 29.87 -4.86 21.15
C GLY E 200 30.90 -5.89 21.55
N LEU E 201 32.17 -5.65 21.22
CA LEU E 201 33.27 -6.52 21.58
C LEU E 201 33.99 -5.96 22.81
N SER E 202 34.04 -6.74 23.90
CA SER E 202 34.71 -6.32 25.15
C SER E 202 36.22 -6.06 24.97
N SER E 203 36.87 -6.85 24.11
CA SER E 203 38.23 -6.55 23.63
C SER E 203 38.31 -6.86 22.11
N PRO E 204 39.34 -6.37 21.42
CA PRO E 204 39.39 -6.56 19.96
C PRO E 204 39.50 -8.03 19.52
N VAL E 205 38.79 -8.37 18.44
CA VAL E 205 38.73 -9.75 17.93
C VAL E 205 39.56 -9.86 16.65
N THR E 206 40.30 -10.95 16.54
CA THR E 206 41.17 -11.18 15.41
C THR E 206 40.78 -12.45 14.70
N LYS E 207 40.74 -12.37 13.37
CA LYS E 207 40.59 -13.54 12.50
C LYS E 207 41.79 -13.57 11.58
N SER E 208 42.38 -14.74 11.42
CA SER E 208 43.57 -14.89 10.60
C SER E 208 43.62 -16.21 9.85
N PHE E 209 44.55 -16.27 8.91
CA PHE E 209 44.90 -17.52 8.22
C PHE E 209 46.38 -17.49 7.92
N ASN E 210 46.97 -18.68 7.75
CA ASN E 210 48.33 -18.82 7.27
C ASN E 210 48.32 -19.16 5.79
N ARG E 211 49.10 -18.40 5.01
CA ARG E 211 49.23 -18.60 3.57
C ARG E 211 49.61 -20.05 3.27
N GLY E 212 48.79 -20.73 2.47
CA GLY E 212 49.02 -22.13 2.12
C GLY E 212 48.85 -23.13 3.27
N GLU E 213 47.78 -22.95 4.03
CA GLU E 213 47.35 -23.93 5.03
C GLU E 213 45.85 -24.10 4.90
N CYS E 214 45.37 -25.33 5.08
CA CYS E 214 43.96 -25.66 4.97
C CYS E 214 43.33 -25.71 6.36
#